data_7YI9
#
_entry.id   7YI9
#
_cell.length_a   1.00
_cell.length_b   1.00
_cell.length_c   1.00
_cell.angle_alpha   90.00
_cell.angle_beta   90.00
_cell.angle_gamma   90.00
#
_symmetry.space_group_name_H-M   'P 1'
#
loop_
_entity.id
_entity.type
_entity.pdbx_description
1 polymer MTA9
2 polymer 'MT-a70 family protein'
3 polymer P1
4 polymer 'Transmembrane protein, putative'
5 non-polymer S-ADENOSYLMETHIONINE
#
loop_
_entity_poly.entity_id
_entity_poly.type
_entity_poly.pdbx_seq_one_letter_code
_entity_poly.pdbx_strand_id
1 'polypeptide(L)'
;MAPKKQEQEPIRLSTRTASKKVDYLQLSNGKLEDFFDDLEEDNKPARNRSRSKKRGRKPLKKADSRSKTPSRVSNARGRS
KSLGPRKTYPRKKNLSPDNQLSLLLKWRNDKIPLKSASETDNKCKVVNVKNIFKSDLSKYGANLQALFINALWKVKSRKE
KEGLNINDLSNLKIPLSLMKNGILFIWSEKEILGQIVEIMEQKGFTYIENFSIMFLGLNKCLQSINHKDEDSQNSTASTN
NTNNEAITSDLTLKDTSKFSDQIQDNHSEDSDQARKQQTPDDITQKKNKLLKKSSVPSIQKLFEEDPVQTPSVNKPIEKS
IEQVTQEKKFVMNNLDILKSTDINNLFLRNNYPYFKKTRHTLLMFRRIGDKNQKLELRHQRTSDVVFEVTDEQDPSKVDT
MMKEYVYQMIETLLPKAQFIPGVDKHLKMMELFASTDNYRPGWISVIEK
;
A
2 'polypeptide(L)'
;MSKAVNKKGLRPRKSDSILDHIKNKLDQEFLEDNENGEQSDEDYDQKSLNKAKKPYKKRQTQNGSELVISQQKTKAKASA
NNKKSAKNSQKLDEEEKIVEEEDLSPQKNGAVSEDDQQQEASTQEDDYLDRLPKSKKGLQGLLQDIEKRILHYKQLFFKE
QNEIANGKRSMVPDNSIPICSDVTKLNFQALIDAQMRHAGKMFDVIMMDPPWQLSSSQPSRGVAIAYDSLSDEKIQNMPI
QSLQQDGFIFVWAINAKYRVTIKMIENWGYKLVDEITWVKKTVNGKIAKGHGFYLQHAKESCLIGVKGDVDNGRFKKNIA
SDVIFSERRGQSQKPEEIYQYINQLCPNGNYLEIFARRNNLHDNWVSIGNEL
;
B
3 'polypeptide(L)'
;MSLKKGKFQHNQSKSLWNYTLSPGWREEEVKILKSALQLFGIGKWKKIMESGCLPGKSIGQIYMQTQRLLGQQSLGDFMG
LQIDLEAVFNQNMKKQDVLRKNNCIINTGDNPTKEERKRRIEQNRKIYGLSAKQIAEIKLPKVKKHAPQYMTLEDIENEK
FTNLEILTHLYNLKAEIVRRLAEQGETIAQPSIIKSLNNLNHNLEQNQNSNSSTETKVTLEQSGKKKYKVLAIEETELQN
GPIATNSQKKSINGKRKNNRKINSDSEGNEEDISLEDIDSQESEINSEEIVEDDEEDEQIEEPSKIKKRKKNPEQESEED
DIEEDQEEDELVVNEEEIFEDDDDDEDNQDSSEDDDDDED
;
C
4 'polypeptide(L)'
;MKHHHHHHHGAAGTSLYKKAGENLYFQGSMKKNGKSQNQPLDFTQYAKNMRKDLSNQDICLEDGALNHSYFLTKKGQYWT
PLNQKALQRGIELFGVGNWKEINYDEFSGKANIVELELRTCMILGINDITEYYGKKISEEEQEEIKKSNIAKGKKENKLK
DNIYQKLQQMQ
;
D
#
loop_
_chem_comp.id
_chem_comp.type
_chem_comp.name
_chem_comp.formula
SAM non-polymer S-ADENOSYLMETHIONINE 'C15 H22 N6 O5 S'
#
# COMPACT_ATOMS: atom_id res chain seq x y z
N ASP A 98 -23.52 2.99 -4.86
CA ASP A 98 -23.89 2.11 -3.76
C ASP A 98 -23.04 0.85 -3.76
N ASN A 99 -23.70 -0.30 -3.59
CA ASN A 99 -22.98 -1.57 -3.63
C ASN A 99 -22.34 -1.79 -5.00
N GLN A 100 -23.08 -1.46 -6.06
CA GLN A 100 -22.66 -1.77 -7.44
C GLN A 100 -22.56 -3.28 -7.66
N LEU A 101 -23.32 -4.05 -6.88
CA LEU A 101 -23.35 -5.49 -7.02
C LEU A 101 -23.95 -5.95 -8.35
N SER A 102 -24.68 -5.08 -9.05
CA SER A 102 -25.11 -5.39 -10.40
C SER A 102 -23.95 -5.54 -11.36
N LEU A 103 -22.80 -4.95 -11.05
CA LEU A 103 -21.60 -5.07 -11.86
C LEU A 103 -20.57 -6.02 -11.27
N LEU A 104 -20.54 -6.17 -9.93
CA LEU A 104 -19.59 -7.07 -9.29
C LEU A 104 -20.04 -8.52 -9.34
N LEU A 105 -21.30 -8.79 -9.67
CA LEU A 105 -21.81 -10.15 -9.79
C LEU A 105 -22.42 -10.40 -11.16
N LYS A 106 -22.04 -9.59 -12.16
CA LYS A 106 -22.65 -9.68 -13.48
C LYS A 106 -22.30 -10.95 -14.23
N TRP A 107 -21.11 -11.51 -13.99
CA TRP A 107 -20.68 -12.72 -14.67
C TRP A 107 -21.59 -13.92 -14.39
N ARG A 108 -22.34 -13.89 -13.29
CA ARG A 108 -23.21 -15.00 -12.92
C ARG A 108 -24.56 -14.94 -13.64
N ASN A 109 -24.82 -13.90 -14.43
CA ASN A 109 -26.00 -13.84 -15.30
C ASN A 109 -25.66 -13.73 -16.78
N ASP A 110 -24.37 -13.67 -17.12
CA ASP A 110 -23.94 -13.53 -18.51
C ASP A 110 -24.01 -14.85 -19.26
N LYS A 111 -23.31 -14.93 -20.39
CA LYS A 111 -23.36 -16.09 -21.28
C LYS A 111 -22.44 -17.22 -20.82
N ILE A 112 -22.24 -17.33 -19.52
CA ILE A 112 -21.49 -18.43 -18.92
C ILE A 112 -22.46 -19.50 -18.38
N PRO A 113 -22.81 -20.51 -19.15
CA PRO A 113 -23.53 -21.65 -18.57
C PRO A 113 -22.55 -22.76 -18.17
N LEU A 114 -23.05 -23.66 -17.33
CA LEU A 114 -22.30 -24.87 -17.03
C LEU A 114 -22.27 -25.76 -18.27
N LYS A 115 -21.08 -26.23 -18.63
CA LYS A 115 -20.88 -26.98 -19.87
C LYS A 115 -21.21 -28.45 -19.66
N SER A 116 -21.90 -29.04 -20.64
CA SER A 116 -22.27 -30.45 -20.56
C SER A 116 -21.07 -31.32 -20.88
N ALA A 117 -20.93 -32.40 -20.12
CA ALA A 117 -19.80 -33.31 -20.27
C ALA A 117 -19.89 -34.05 -21.60
N SER A 118 -18.73 -34.52 -22.07
CA SER A 118 -18.63 -35.32 -23.28
C SER A 118 -18.28 -36.76 -22.91
N GLU A 119 -18.92 -37.70 -23.61
CA GLU A 119 -18.65 -39.10 -23.37
C GLU A 119 -17.26 -39.49 -23.85
N THR A 120 -16.85 -40.70 -23.50
CA THR A 120 -15.51 -41.18 -23.83
C THR A 120 -15.34 -41.30 -25.35
N ASP A 121 -14.59 -40.37 -25.93
CA ASP A 121 -14.35 -40.34 -27.37
C ASP A 121 -12.97 -39.73 -27.59
N ASN A 122 -12.70 -39.30 -28.82
CA ASN A 122 -11.40 -38.71 -29.15
C ASN A 122 -11.24 -37.29 -28.62
N LYS A 123 -12.32 -36.66 -28.13
CA LYS A 123 -12.22 -35.28 -27.69
C LYS A 123 -11.78 -35.16 -26.24
N CYS A 124 -12.04 -36.18 -25.42
CA CYS A 124 -11.64 -36.18 -24.03
C CYS A 124 -11.04 -37.52 -23.67
N LYS A 125 -10.17 -37.53 -22.66
CA LYS A 125 -9.52 -38.75 -22.22
C LYS A 125 -9.57 -38.81 -20.70
N VAL A 126 -10.05 -39.94 -20.18
CA VAL A 126 -10.23 -40.12 -18.74
C VAL A 126 -9.27 -41.22 -18.29
N VAL A 127 -8.52 -40.93 -17.22
CA VAL A 127 -7.55 -41.87 -16.67
C VAL A 127 -7.86 -42.08 -15.19
N ASN A 128 -7.92 -43.34 -14.78
CA ASN A 128 -8.16 -43.68 -13.38
C ASN A 128 -6.85 -44.18 -12.78
N VAL A 129 -6.37 -43.47 -11.75
CA VAL A 129 -5.10 -43.76 -11.12
C VAL A 129 -5.31 -43.81 -9.61
N LYS A 130 -4.64 -44.76 -8.96
CA LYS A 130 -4.72 -44.86 -7.51
C LYS A 130 -4.11 -43.65 -6.80
N ASN A 131 -3.10 -43.03 -7.41
CA ASN A 131 -2.49 -41.81 -6.87
C ASN A 131 -1.65 -41.12 -7.94
N ILE A 132 -1.93 -39.84 -8.20
CA ILE A 132 -1.07 -39.07 -9.11
C ILE A 132 0.28 -38.80 -8.48
N PHE A 133 0.30 -38.49 -7.18
CA PHE A 133 1.55 -38.16 -6.50
C PHE A 133 2.50 -39.34 -6.41
N LYS A 134 2.03 -40.57 -6.68
CA LYS A 134 2.85 -41.76 -6.64
C LYS A 134 3.02 -42.41 -8.01
N SER A 135 2.51 -41.81 -9.07
CA SER A 135 2.49 -42.45 -10.39
C SER A 135 3.20 -41.57 -11.41
N ASP A 136 3.62 -42.22 -12.50
CA ASP A 136 4.34 -41.57 -13.58
C ASP A 136 3.35 -41.06 -14.62
N LEU A 137 3.31 -39.74 -14.80
CA LEU A 137 2.37 -39.10 -15.71
C LEU A 137 2.95 -38.89 -17.10
N SER A 138 4.17 -39.36 -17.35
CA SER A 138 4.84 -39.07 -18.61
C SER A 138 4.21 -39.77 -19.80
N LYS A 139 3.38 -40.79 -19.56
CA LYS A 139 2.76 -41.57 -20.62
C LYS A 139 1.33 -41.17 -20.92
N TYR A 140 0.60 -40.66 -19.93
CA TYR A 140 -0.78 -40.24 -20.16
C TYR A 140 -0.84 -39.06 -21.12
N GLY A 141 0.11 -38.15 -21.04
CA GLY A 141 0.16 -37.02 -21.95
C GLY A 141 1.56 -36.47 -22.02
N ALA A 142 1.90 -35.94 -23.19
CA ALA A 142 3.21 -35.35 -23.44
C ALA A 142 3.03 -33.97 -24.04
N ASN A 143 4.00 -33.10 -23.76
CA ASN A 143 3.98 -31.70 -24.22
C ASN A 143 2.73 -30.97 -23.71
N LEU A 144 2.48 -31.11 -22.42
CA LEU A 144 1.31 -30.49 -21.80
C LEU A 144 1.51 -28.98 -21.75
N GLN A 145 0.62 -28.24 -22.41
CA GLN A 145 0.69 -26.79 -22.40
C GLN A 145 0.11 -26.18 -21.12
N ALA A 146 -0.69 -26.94 -20.38
CA ALA A 146 -1.26 -26.48 -19.12
C ALA A 146 -1.40 -27.66 -18.18
N LEU A 147 -1.36 -27.37 -16.88
CA LEU A 147 -1.49 -28.42 -15.87
C LEU A 147 -2.17 -27.80 -14.66
N PHE A 148 -3.49 -27.96 -14.59
CA PHE A 148 -4.29 -27.45 -13.48
C PHE A 148 -4.41 -28.56 -12.43
N ILE A 149 -4.00 -28.25 -11.21
CA ILE A 149 -4.05 -29.19 -10.09
C ILE A 149 -5.19 -28.75 -9.19
N ASN A 150 -6.35 -29.38 -9.35
CA ASN A 150 -7.54 -29.05 -8.56
C ASN A 150 -7.38 -29.64 -7.15
N ALA A 151 -6.42 -29.09 -6.43
CA ALA A 151 -6.03 -29.63 -5.13
C ALA A 151 -6.84 -28.99 -4.02
N LEU A 152 -7.53 -29.82 -3.24
CA LEU A 152 -8.11 -29.42 -1.98
C LEU A 152 -7.14 -29.84 -0.88
N TRP A 153 -6.69 -28.88 -0.09
CA TRP A 153 -5.64 -29.11 0.89
C TRP A 153 -6.26 -29.39 2.26
N LYS A 154 -5.59 -30.24 3.03
CA LYS A 154 -6.02 -30.58 4.38
C LYS A 154 -5.23 -29.72 5.36
N VAL A 155 -5.85 -28.67 5.88
CA VAL A 155 -5.20 -27.73 6.77
C VAL A 155 -6.01 -27.61 8.05
N LYS A 156 -5.51 -26.82 9.01
CA LYS A 156 -6.26 -26.59 10.24
C LYS A 156 -7.42 -25.63 10.00
N SER A 157 -7.30 -24.75 9.01
CA SER A 157 -8.39 -23.81 8.71
C SER A 157 -9.65 -24.56 8.31
N ARG A 158 -9.52 -25.54 7.40
CA ARG A 158 -10.63 -26.41 7.05
C ARG A 158 -10.78 -27.47 8.13
N LYS A 159 -11.83 -27.34 8.95
CA LYS A 159 -11.98 -28.13 10.16
C LYS A 159 -12.87 -29.34 9.88
N GLU A 160 -12.39 -30.52 10.26
CA GLU A 160 -13.11 -31.78 10.04
C GLU A 160 -13.40 -31.99 8.57
N LYS A 161 -12.34 -31.94 7.75
CA LYS A 161 -12.44 -32.17 6.32
C LYS A 161 -11.32 -33.10 5.88
N GLU A 162 -11.35 -33.48 4.60
CA GLU A 162 -10.34 -34.33 4.01
C GLU A 162 -9.76 -33.64 2.78
N GLY A 163 -8.50 -33.95 2.49
CA GLY A 163 -7.85 -33.37 1.32
C GLY A 163 -6.43 -33.85 1.22
N LEU A 164 -5.73 -33.31 0.22
CA LEU A 164 -4.33 -33.68 -0.02
C LEU A 164 -3.46 -33.14 1.12
N ASN A 165 -2.17 -33.47 1.04
CA ASN A 165 -1.20 -33.02 2.03
C ASN A 165 -0.04 -32.35 1.31
N ILE A 166 0.46 -31.26 1.88
CA ILE A 166 1.47 -30.45 1.20
C ILE A 166 2.79 -31.21 1.10
N ASN A 167 3.11 -32.05 2.09
CA ASN A 167 4.34 -32.84 2.02
C ASN A 167 4.32 -33.86 0.89
N ASP A 168 3.13 -34.23 0.40
CA ASP A 168 3.01 -35.20 -0.67
C ASP A 168 3.21 -34.60 -2.05
N LEU A 169 3.24 -33.27 -2.17
CA LEU A 169 3.46 -32.65 -3.47
C LEU A 169 4.93 -32.69 -3.88
N SER A 170 5.85 -32.80 -2.92
CA SER A 170 7.28 -32.77 -3.25
C SER A 170 7.67 -33.93 -4.15
N ASN A 171 7.17 -35.13 -3.86
CA ASN A 171 7.51 -36.31 -4.66
C ASN A 171 6.49 -36.53 -5.77
N LEU A 172 6.27 -35.47 -6.54
CA LEU A 172 5.46 -35.52 -7.75
C LEU A 172 6.38 -35.21 -8.93
N LYS A 173 6.80 -36.25 -9.65
CA LYS A 173 7.75 -36.07 -10.73
C LYS A 173 7.07 -35.46 -11.95
N ILE A 174 7.65 -34.39 -12.47
CA ILE A 174 7.17 -33.74 -13.68
C ILE A 174 8.30 -33.78 -14.70
N PRO A 175 8.44 -34.87 -15.45
CA PRO A 175 9.56 -34.98 -16.39
C PRO A 175 9.54 -33.88 -17.44
N LEU A 176 10.72 -33.55 -17.95
CA LEU A 176 10.83 -32.49 -18.95
C LEU A 176 10.07 -32.85 -20.22
N SER A 177 10.12 -34.12 -20.63
CA SER A 177 9.35 -34.55 -21.79
C SER A 177 7.85 -34.39 -21.56
N LEU A 178 7.40 -34.60 -20.32
CA LEU A 178 6.01 -34.34 -19.97
C LEU A 178 5.67 -32.86 -20.13
N MET A 179 6.57 -31.98 -19.70
CA MET A 179 6.21 -30.61 -19.39
C MET A 179 7.40 -29.72 -19.74
N LYS A 180 7.42 -29.21 -20.97
CA LYS A 180 8.53 -28.34 -21.40
C LYS A 180 8.20 -26.87 -21.21
N ASN A 181 7.15 -26.38 -21.87
CA ASN A 181 6.69 -25.01 -21.75
C ASN A 181 5.23 -25.01 -21.35
N GLY A 182 4.92 -24.42 -20.20
CA GLY A 182 3.53 -24.31 -19.81
C GLY A 182 3.39 -23.80 -18.40
N ILE A 183 2.15 -23.52 -18.04
CA ILE A 183 1.78 -22.93 -16.75
C ILE A 183 1.15 -24.01 -15.90
N LEU A 184 1.51 -24.05 -14.62
CA LEU A 184 0.90 -24.97 -13.67
C LEU A 184 0.02 -24.17 -12.72
N PHE A 185 -1.23 -24.62 -12.55
CA PHE A 185 -2.22 -23.93 -11.73
C PHE A 185 -2.47 -24.77 -10.49
N ILE A 186 -2.58 -24.12 -9.33
CA ILE A 186 -2.76 -24.84 -8.08
C ILE A 186 -3.49 -23.95 -7.09
N TRP A 187 -4.40 -24.55 -6.34
CA TRP A 187 -5.12 -23.82 -5.29
C TRP A 187 -4.24 -23.72 -4.05
N SER A 188 -4.28 -22.55 -3.40
CA SER A 188 -3.45 -22.29 -2.23
C SER A 188 -4.32 -21.94 -1.04
N GLU A 189 -3.93 -22.46 0.12
CA GLU A 189 -4.47 -22.01 1.39
C GLU A 189 -3.61 -20.85 1.89
N LYS A 190 -3.81 -20.45 3.14
CA LYS A 190 -2.96 -19.43 3.73
C LYS A 190 -1.78 -20.00 4.50
N GLU A 191 -1.85 -21.26 4.91
CA GLU A 191 -0.81 -21.90 5.69
C GLU A 191 0.33 -22.46 4.84
N ILE A 192 0.14 -22.61 3.53
CA ILE A 192 1.06 -23.42 2.73
C ILE A 192 1.55 -22.69 1.49
N LEU A 193 1.35 -21.37 1.43
CA LEU A 193 1.75 -20.62 0.25
C LEU A 193 3.27 -20.64 0.08
N GLY A 194 4.01 -20.42 1.17
CA GLY A 194 5.46 -20.45 1.09
C GLY A 194 6.00 -21.82 0.74
N GLN A 195 5.42 -22.86 1.33
CA GLN A 195 5.82 -24.22 0.99
C GLN A 195 5.55 -24.52 -0.48
N ILE A 196 4.39 -24.09 -0.98
CA ILE A 196 4.08 -24.33 -2.39
C ILE A 196 5.09 -23.62 -3.28
N VAL A 197 5.40 -22.36 -3.00
CA VAL A 197 6.28 -21.61 -3.89
C VAL A 197 7.70 -22.18 -3.84
N GLU A 198 8.16 -22.58 -2.66
CA GLU A 198 9.50 -23.16 -2.57
C GLU A 198 9.57 -24.52 -3.27
N ILE A 199 8.55 -25.36 -3.09
CA ILE A 199 8.54 -26.66 -3.75
C ILE A 199 8.49 -26.51 -5.25
N MET A 200 7.72 -25.53 -5.74
CA MET A 200 7.66 -25.33 -7.19
C MET A 200 8.94 -24.72 -7.74
N GLU A 201 9.64 -23.91 -6.95
CA GLU A 201 10.92 -23.39 -7.39
C GLU A 201 11.97 -24.48 -7.46
N GLN A 202 11.94 -25.43 -6.52
CA GLN A 202 12.87 -26.57 -6.61
C GLN A 202 12.54 -27.55 -7.73
N LYS A 203 11.58 -27.27 -8.62
CA LYS A 203 11.31 -28.14 -9.76
C LYS A 203 11.54 -27.48 -11.11
N GLY A 204 11.59 -26.16 -11.18
CA GLY A 204 11.84 -25.48 -12.44
C GLY A 204 10.75 -24.49 -12.81
N PHE A 205 9.83 -24.23 -11.89
CA PHE A 205 8.71 -23.34 -12.12
C PHE A 205 8.88 -22.06 -11.31
N THR A 206 8.71 -20.91 -11.98
CA THR A 206 8.86 -19.61 -11.38
C THR A 206 7.49 -18.99 -11.17
N TYR A 207 7.25 -18.49 -9.95
CA TYR A 207 5.98 -17.83 -9.65
C TYR A 207 5.76 -16.65 -10.59
N ILE A 208 4.56 -16.57 -11.17
CA ILE A 208 4.29 -15.52 -12.15
C ILE A 208 3.12 -14.63 -11.80
N GLU A 209 2.11 -15.16 -11.10
CA GLU A 209 0.86 -14.45 -10.94
C GLU A 209 0.08 -15.03 -9.77
N ASN A 210 -1.12 -14.47 -9.55
CA ASN A 210 -2.01 -14.88 -8.48
C ASN A 210 -3.43 -14.49 -8.88
N PHE A 211 -4.41 -15.23 -8.34
CA PHE A 211 -5.82 -15.04 -8.66
C PHE A 211 -6.65 -15.36 -7.43
N SER A 212 -7.46 -14.41 -6.99
CA SER A 212 -8.23 -14.56 -5.75
C SER A 212 -9.71 -14.31 -6.00
N ILE A 213 -10.53 -14.94 -5.15
CA ILE A 213 -11.99 -14.81 -5.21
C ILE A 213 -12.45 -14.13 -3.92
N MET A 214 -13.11 -12.99 -4.06
CA MET A 214 -13.68 -12.31 -2.90
C MET A 214 -15.07 -12.87 -2.60
N PHE A 215 -15.29 -13.28 -1.36
CA PHE A 215 -16.49 -14.01 -0.99
C PHE A 215 -17.48 -13.10 -0.27
N LEU A 216 -18.71 -13.04 -0.79
CA LEU A 216 -19.84 -12.43 -0.12
C LEU A 216 -20.75 -13.51 0.41
N GLY A 217 -21.20 -13.37 1.66
CA GLY A 217 -22.08 -14.36 2.24
C GLY A 217 -23.49 -14.25 1.67
N LEU A 218 -24.12 -15.41 1.49
CA LEU A 218 -25.48 -15.40 0.96
C LEU A 218 -26.51 -15.21 2.07
N ASN A 219 -26.20 -15.63 3.29
CA ASN A 219 -27.11 -15.40 4.41
C ASN A 219 -27.27 -13.90 4.66
N LYS A 220 -26.17 -13.15 4.63
CA LYS A 220 -26.25 -11.71 4.79
C LYS A 220 -27.07 -11.07 3.67
N CYS A 221 -26.85 -11.52 2.43
CA CYS A 221 -27.61 -10.98 1.30
C CYS A 221 -29.09 -11.28 1.44
N LEU A 222 -29.43 -12.50 1.86
CA LEU A 222 -30.83 -12.86 2.04
C LEU A 222 -31.48 -12.02 3.13
N GLN A 223 -30.77 -11.82 4.24
CA GLN A 223 -31.33 -11.02 5.33
C GLN A 223 -31.49 -9.56 4.92
N SER A 224 -30.54 -9.02 4.16
CA SER A 224 -30.67 -7.65 3.69
C SER A 224 -31.79 -7.52 2.66
N ILE A 225 -32.03 -8.57 1.88
CA ILE A 225 -33.13 -8.55 0.92
C ILE A 225 -34.48 -8.59 1.63
N ASN A 226 -34.61 -9.46 2.64
CA ASN A 226 -35.89 -9.63 3.32
C ASN A 226 -36.36 -8.33 3.97
N HIS A 227 -35.41 -7.47 4.34
CA HIS A 227 -35.74 -6.20 4.99
C HIS A 227 -34.55 -5.24 4.94
N GLU A 318 -26.16 -27.36 6.07
CA GLU A 318 -26.76 -28.64 5.71
C GLU A 318 -27.53 -28.53 4.41
N LYS A 319 -27.58 -27.32 3.85
CA LYS A 319 -28.33 -27.09 2.63
C LYS A 319 -27.74 -27.87 1.47
N SER A 320 -28.61 -28.38 0.61
CA SER A 320 -28.20 -29.17 -0.54
C SER A 320 -27.63 -28.24 -1.62
N ILE A 321 -27.10 -28.83 -2.69
CA ILE A 321 -26.49 -28.00 -3.74
C ILE A 321 -27.56 -27.38 -4.62
N GLU A 322 -28.68 -28.07 -4.85
CA GLU A 322 -29.77 -27.47 -5.62
C GLU A 322 -30.49 -26.40 -4.81
N GLN A 323 -30.62 -26.60 -3.49
CA GLN A 323 -31.20 -25.58 -2.64
C GLN A 323 -30.33 -24.34 -2.60
N VAL A 324 -29.00 -24.52 -2.48
CA VAL A 324 -28.10 -23.37 -2.51
C VAL A 324 -28.13 -22.70 -3.88
N THR A 325 -28.28 -23.50 -4.94
CA THR A 325 -28.36 -22.92 -6.28
C THR A 325 -29.61 -22.05 -6.44
N GLN A 326 -30.75 -22.52 -5.93
CA GLN A 326 -31.97 -21.73 -6.05
C GLN A 326 -31.93 -20.52 -5.12
N GLU A 327 -31.28 -20.64 -3.96
CA GLU A 327 -31.10 -19.48 -3.09
C GLU A 327 -30.21 -18.43 -3.76
N LYS A 328 -29.16 -18.87 -4.45
CA LYS A 328 -28.31 -17.92 -5.16
C LYS A 328 -29.06 -17.28 -6.32
N LYS A 329 -29.92 -18.04 -7.00
CA LYS A 329 -30.76 -17.46 -8.02
C LYS A 329 -31.72 -16.42 -7.43
N PHE A 330 -32.28 -16.71 -6.27
CA PHE A 330 -33.16 -15.75 -5.59
C PHE A 330 -32.40 -14.48 -5.22
N VAL A 331 -31.18 -14.63 -4.71
CA VAL A 331 -30.36 -13.45 -4.39
C VAL A 331 -30.08 -12.65 -5.65
N MET A 332 -29.74 -13.33 -6.74
CA MET A 332 -29.43 -12.62 -7.98
C MET A 332 -30.65 -11.96 -8.60
N ASN A 333 -31.85 -12.47 -8.31
CA ASN A 333 -33.06 -11.84 -8.81
C ASN A 333 -33.34 -10.53 -8.09
N ASN A 334 -33.55 -10.60 -6.77
CA ASN A 334 -33.78 -9.40 -5.96
C ASN A 334 -32.44 -8.74 -5.66
N LEU A 335 -31.84 -8.18 -6.71
CA LEU A 335 -30.53 -7.56 -6.62
C LEU A 335 -30.64 -6.04 -6.54
N ASP A 336 -31.86 -5.54 -6.32
CA ASP A 336 -32.12 -4.10 -6.23
C ASP A 336 -32.84 -3.74 -4.94
N ILE A 337 -32.79 -4.61 -3.94
CA ILE A 337 -33.40 -4.35 -2.64
C ILE A 337 -32.28 -4.15 -1.62
N LEU A 338 -31.21 -4.93 -1.77
CA LEU A 338 -30.03 -4.79 -0.93
C LEU A 338 -29.01 -3.82 -1.49
N LYS A 339 -29.39 -3.06 -2.53
CA LYS A 339 -28.49 -2.08 -3.12
C LYS A 339 -28.11 -0.97 -2.15
N SER A 340 -28.97 -0.67 -1.17
CA SER A 340 -28.67 0.38 -0.22
C SER A 340 -27.70 -0.06 0.88
N THR A 341 -27.51 -1.37 1.04
CA THR A 341 -26.65 -1.89 2.09
C THR A 341 -25.18 -1.51 1.82
N ASP A 342 -24.40 -1.48 2.89
CA ASP A 342 -22.97 -1.24 2.78
C ASP A 342 -22.27 -2.55 2.44
N ILE A 343 -21.41 -2.50 1.42
CA ILE A 343 -20.80 -3.74 0.90
C ILE A 343 -19.89 -4.38 1.93
N ASN A 344 -19.21 -3.57 2.76
CA ASN A 344 -18.38 -4.12 3.82
C ASN A 344 -19.19 -4.91 4.84
N ASN A 345 -20.51 -4.69 4.89
CA ASN A 345 -21.37 -5.45 5.79
C ASN A 345 -21.83 -6.77 5.19
N LEU A 346 -21.59 -7.00 3.91
CA LEU A 346 -21.97 -8.25 3.26
C LEU A 346 -20.80 -9.22 3.08
N PHE A 347 -19.57 -8.75 3.29
CA PHE A 347 -18.41 -9.61 3.10
C PHE A 347 -18.45 -10.81 4.03
N LEU A 348 -17.79 -11.88 3.62
CA LEU A 348 -17.69 -13.07 4.45
C LEU A 348 -16.48 -12.95 5.38
N ARG A 349 -16.66 -13.38 6.63
CA ARG A 349 -15.62 -13.30 7.64
C ARG A 349 -15.50 -14.67 8.30
N ASN A 350 -14.67 -15.54 7.74
CA ASN A 350 -14.46 -16.86 8.31
C ASN A 350 -13.32 -16.83 9.31
N ASN A 351 -13.38 -17.74 10.28
CA ASN A 351 -12.41 -17.76 11.36
C ASN A 351 -11.04 -18.21 10.87
N TYR A 352 -10.01 -17.44 11.24
CA TYR A 352 -8.62 -17.77 10.97
C TYR A 352 -7.81 -17.24 12.15
N PRO A 353 -6.67 -17.86 12.47
CA PRO A 353 -5.92 -17.44 13.66
C PRO A 353 -5.47 -15.98 13.65
N TYR A 354 -5.21 -15.37 12.50
CA TYR A 354 -4.64 -14.03 12.48
C TYR A 354 -5.60 -12.99 11.92
N PHE A 355 -6.07 -13.15 10.68
CA PHE A 355 -7.06 -12.25 10.11
C PHE A 355 -8.18 -13.09 9.51
N LYS A 356 -9.40 -12.56 9.53
CA LYS A 356 -10.55 -13.31 9.06
C LYS A 356 -10.44 -13.60 7.56
N LYS A 357 -10.85 -14.80 7.18
CA LYS A 357 -10.72 -15.24 5.79
C LYS A 357 -11.86 -14.70 4.94
N THR A 358 -11.50 -14.10 3.81
CA THR A 358 -12.49 -13.55 2.89
C THR A 358 -12.20 -13.91 1.43
N ARG A 359 -11.11 -14.61 1.14
CA ARG A 359 -10.71 -14.89 -0.23
C ARG A 359 -10.19 -16.31 -0.37
N HIS A 360 -10.11 -16.77 -1.62
CA HIS A 360 -9.51 -18.04 -1.99
C HIS A 360 -8.63 -17.82 -3.21
N THR A 361 -7.39 -18.26 -3.15
CA THR A 361 -6.38 -17.87 -4.13
C THR A 361 -5.88 -19.06 -4.93
N LEU A 362 -5.52 -18.78 -6.19
CA LEU A 362 -4.98 -19.76 -7.12
C LEU A 362 -3.61 -19.27 -7.58
N LEU A 363 -2.57 -20.06 -7.29
CA LEU A 363 -1.21 -19.69 -7.64
C LEU A 363 -0.86 -20.19 -9.03
N MET A 364 0.00 -19.43 -9.72
CA MET A 364 0.42 -19.74 -11.08
C MET A 364 1.94 -19.76 -11.15
N PHE A 365 2.48 -20.82 -11.74
CA PHE A 365 3.92 -20.98 -11.93
C PHE A 365 4.19 -21.28 -13.40
N ARG A 366 5.38 -20.91 -13.87
CA ARG A 366 5.72 -21.02 -15.27
C ARG A 366 7.10 -21.67 -15.42
N ARG A 367 7.22 -22.57 -16.39
CA ARG A 367 8.49 -23.22 -16.72
C ARG A 367 8.88 -22.81 -18.14
N ILE A 368 10.14 -22.41 -18.30
CA ILE A 368 10.65 -21.92 -19.58
C ILE A 368 11.61 -22.96 -20.13
N GLY A 369 11.40 -23.36 -21.38
CA GLY A 369 12.25 -24.35 -22.02
C GLY A 369 13.40 -23.74 -22.80
N LEU A 375 4.82 -19.61 -25.27
CA LEU A 375 3.55 -20.28 -24.99
C LEU A 375 2.40 -19.73 -25.82
N GLU A 376 2.63 -18.58 -26.46
CA GLU A 376 1.60 -17.86 -27.20
C GLU A 376 0.42 -17.53 -26.28
N LEU A 377 0.74 -16.73 -25.28
CA LEU A 377 -0.21 -16.30 -24.26
C LEU A 377 -1.07 -15.16 -24.78
N ARG A 378 -2.23 -15.00 -24.15
CA ARG A 378 -3.18 -13.95 -24.56
C ARG A 378 -3.24 -12.78 -23.59
N HIS A 379 -2.50 -12.84 -22.48
CA HIS A 379 -2.28 -11.68 -21.62
C HIS A 379 -3.55 -11.19 -20.93
N GLN A 380 -3.71 -9.88 -20.80
CA GLN A 380 -4.66 -9.28 -19.87
C GLN A 380 -6.08 -9.45 -20.41
N ARG A 381 -6.79 -10.49 -19.94
CA ARG A 381 -8.21 -10.60 -20.21
C ARG A 381 -9.04 -11.00 -19.00
N THR A 382 -8.43 -11.34 -17.87
CA THR A 382 -9.17 -11.65 -16.66
C THR A 382 -8.51 -10.94 -15.49
N SER A 383 -9.32 -10.38 -14.61
CA SER A 383 -8.79 -9.68 -13.46
C SER A 383 -8.38 -10.67 -12.37
N ASP A 384 -7.47 -10.23 -11.51
CA ASP A 384 -7.03 -11.04 -10.38
C ASP A 384 -8.10 -11.21 -9.33
N VAL A 385 -9.16 -10.42 -9.38
CA VAL A 385 -10.19 -10.40 -8.34
C VAL A 385 -11.53 -10.71 -8.99
N VAL A 386 -12.27 -11.65 -8.39
CA VAL A 386 -13.64 -11.93 -8.78
C VAL A 386 -14.48 -12.00 -7.50
N PHE A 387 -15.72 -11.56 -7.61
CA PHE A 387 -16.64 -11.55 -6.49
C PHE A 387 -17.64 -12.69 -6.64
N GLU A 388 -17.85 -13.44 -5.56
CA GLU A 388 -18.77 -14.56 -5.57
C GLU A 388 -19.61 -14.56 -4.31
N VAL A 389 -20.89 -14.87 -4.46
CA VAL A 389 -21.76 -15.19 -3.34
C VAL A 389 -21.65 -16.68 -3.08
N THR A 390 -21.31 -17.06 -1.84
CA THR A 390 -20.99 -18.44 -1.55
C THR A 390 -21.62 -18.86 -0.23
N ASP A 391 -21.87 -20.16 -0.12
CA ASP A 391 -22.24 -20.75 1.16
C ASP A 391 -21.03 -20.75 2.10
N GLU A 392 -21.31 -20.60 3.39
CA GLU A 392 -20.27 -20.40 4.39
C GLU A 392 -19.71 -21.70 4.95
N GLN A 393 -20.31 -22.85 4.61
CA GLN A 393 -19.89 -24.10 5.23
C GLN A 393 -18.49 -24.52 4.77
N ASP A 394 -18.20 -24.37 3.48
CA ASP A 394 -16.90 -24.75 2.97
C ASP A 394 -16.63 -24.02 1.66
N PRO A 395 -16.30 -22.72 1.71
CA PRO A 395 -16.09 -21.97 0.46
C PRO A 395 -14.88 -22.42 -0.35
N SER A 396 -13.97 -23.19 0.24
CA SER A 396 -12.82 -23.68 -0.51
C SER A 396 -13.24 -24.60 -1.64
N LYS A 397 -14.28 -25.42 -1.40
CA LYS A 397 -14.80 -26.31 -2.43
C LYS A 397 -15.61 -25.52 -3.44
N VAL A 398 -14.92 -24.91 -4.41
CA VAL A 398 -15.58 -24.12 -5.44
C VAL A 398 -16.59 -24.98 -6.19
N ASP A 399 -17.78 -24.43 -6.44
CA ASP A 399 -18.85 -25.15 -7.10
C ASP A 399 -18.83 -24.87 -8.60
N THR A 400 -19.77 -25.49 -9.31
CA THR A 400 -19.99 -25.22 -10.72
C THR A 400 -20.40 -23.76 -10.90
N MET A 401 -20.30 -23.29 -12.14
CA MET A 401 -20.63 -21.91 -12.52
C MET A 401 -19.55 -20.94 -12.04
N MET A 402 -18.65 -21.42 -11.21
CA MET A 402 -17.45 -20.69 -10.81
C MET A 402 -16.20 -21.46 -11.18
N LYS A 403 -16.25 -22.79 -11.06
CA LYS A 403 -15.27 -23.64 -11.72
C LYS A 403 -15.27 -23.40 -13.23
N GLU A 404 -16.46 -23.15 -13.80
CA GLU A 404 -16.55 -22.76 -15.20
C GLU A 404 -15.82 -21.45 -15.47
N TYR A 405 -15.88 -20.52 -14.51
CA TYR A 405 -15.12 -19.27 -14.63
C TYR A 405 -13.62 -19.54 -14.70
N VAL A 406 -13.14 -20.47 -13.87
CA VAL A 406 -11.71 -20.81 -13.85
C VAL A 406 -11.30 -21.49 -15.15
N TYR A 407 -12.11 -22.44 -15.62
CA TYR A 407 -11.85 -23.08 -16.91
C TYR A 407 -11.80 -22.06 -18.04
N GLN A 408 -12.74 -21.12 -18.07
CA GLN A 408 -12.73 -20.12 -19.13
C GLN A 408 -11.51 -19.21 -19.02
N MET A 409 -11.11 -18.86 -17.80
CA MET A 409 -9.90 -18.05 -17.61
C MET A 409 -8.67 -18.77 -18.14
N ILE A 410 -8.51 -20.05 -17.77
CA ILE A 410 -7.36 -20.82 -18.21
C ILE A 410 -7.36 -20.98 -19.72
N GLU A 411 -8.53 -21.27 -20.30
CA GLU A 411 -8.60 -21.55 -21.72
C GLU A 411 -8.58 -20.30 -22.59
N THR A 412 -8.80 -19.12 -22.02
CA THR A 412 -8.54 -17.90 -22.77
C THR A 412 -7.14 -17.36 -22.52
N LEU A 413 -6.48 -17.80 -21.45
CA LEU A 413 -5.07 -17.47 -21.26
C LEU A 413 -4.19 -18.24 -22.23
N LEU A 414 -4.62 -19.43 -22.65
CA LEU A 414 -3.82 -20.33 -23.49
C LEU A 414 -4.65 -20.70 -24.72
N PRO A 415 -4.77 -19.79 -25.70
CA PRO A 415 -5.66 -20.03 -26.84
C PRO A 415 -5.10 -20.97 -27.89
N LYS A 416 -3.96 -21.64 -27.63
CA LYS A 416 -3.40 -22.58 -28.59
C LYS A 416 -3.27 -23.98 -28.05
N ALA A 417 -3.75 -24.24 -26.83
CA ALA A 417 -3.80 -25.58 -26.28
C ALA A 417 -5.17 -26.22 -26.44
N GLN A 418 -6.07 -25.58 -27.17
CA GLN A 418 -7.38 -26.17 -27.45
C GLN A 418 -7.22 -27.37 -28.38
N PHE A 419 -8.01 -28.40 -28.14
CA PHE A 419 -7.98 -29.60 -29.00
C PHE A 419 -8.97 -29.39 -30.13
N ILE A 420 -8.46 -28.96 -31.27
CA ILE A 420 -9.28 -28.87 -32.48
C ILE A 420 -9.43 -30.27 -33.07
N PRO A 421 -10.65 -30.75 -33.34
CA PRO A 421 -10.82 -32.11 -33.86
C PRO A 421 -10.12 -32.27 -35.20
N GLY A 422 -9.47 -33.42 -35.37
CA GLY A 422 -8.76 -33.76 -36.59
C GLY A 422 -7.38 -33.12 -36.73
N VAL A 423 -7.26 -31.84 -36.38
CA VAL A 423 -5.98 -31.15 -36.52
C VAL A 423 -4.95 -31.72 -35.54
N ASP A 424 -5.34 -31.88 -34.29
CA ASP A 424 -4.43 -32.34 -33.24
C ASP A 424 -4.66 -33.80 -32.93
N LYS A 425 -3.58 -34.58 -32.89
CA LYS A 425 -3.65 -36.00 -32.59
C LYS A 425 -3.44 -36.31 -31.11
N HIS A 426 -3.16 -35.31 -30.28
CA HIS A 426 -2.98 -35.51 -28.86
C HIS A 426 -3.56 -34.33 -28.10
N LEU A 427 -4.05 -34.60 -26.89
CA LEU A 427 -4.56 -33.54 -26.04
C LEU A 427 -3.39 -32.76 -25.44
N LYS A 428 -3.64 -31.47 -25.16
CA LYS A 428 -2.58 -30.57 -24.72
C LYS A 428 -2.82 -29.97 -23.35
N MET A 429 -3.97 -30.24 -22.72
CA MET A 429 -4.31 -29.72 -21.41
C MET A 429 -4.59 -30.91 -20.49
N MET A 430 -4.06 -30.87 -19.28
CA MET A 430 -4.27 -31.93 -18.31
C MET A 430 -4.75 -31.33 -17.00
N GLU A 431 -5.81 -31.90 -16.44
CA GLU A 431 -6.42 -31.41 -15.20
C GLU A 431 -6.45 -32.56 -14.21
N LEU A 432 -5.70 -32.41 -13.12
CA LEU A 432 -5.57 -33.47 -12.13
C LEU A 432 -6.66 -33.33 -11.07
N PHE A 433 -7.03 -34.46 -10.47
CA PHE A 433 -8.11 -34.54 -9.49
C PHE A 433 -9.42 -34.04 -10.10
N ALA A 434 -9.79 -34.65 -11.21
CA ALA A 434 -10.96 -34.26 -11.98
C ALA A 434 -12.24 -34.71 -11.28
N SER A 435 -13.37 -34.21 -11.79
CA SER A 435 -14.69 -34.65 -11.36
C SER A 435 -15.10 -35.85 -12.20
N THR A 436 -15.54 -36.92 -11.54
CA THR A 436 -15.84 -38.17 -12.22
C THR A 436 -17.04 -38.06 -13.16
N ASP A 437 -17.81 -36.97 -13.08
CA ASP A 437 -19.02 -36.82 -13.88
C ASP A 437 -18.84 -35.91 -15.08
N ASN A 438 -18.22 -34.75 -14.92
CA ASN A 438 -18.08 -33.77 -15.98
C ASN A 438 -16.69 -33.91 -16.59
N TYR A 439 -16.62 -34.45 -17.81
CA TYR A 439 -15.38 -34.56 -18.56
C TYR A 439 -15.34 -33.42 -19.57
N ARG A 440 -14.57 -32.39 -19.26
CA ARG A 440 -14.51 -31.23 -20.15
C ARG A 440 -13.86 -31.62 -21.47
N PRO A 441 -14.43 -31.22 -22.60
CA PRO A 441 -13.79 -31.50 -23.90
C PRO A 441 -12.44 -30.82 -23.99
N GLY A 442 -11.51 -31.50 -24.68
CA GLY A 442 -10.19 -30.95 -24.91
C GLY A 442 -9.23 -31.06 -23.76
N TRP A 443 -9.56 -31.83 -22.73
CA TRP A 443 -8.71 -31.97 -21.56
C TRP A 443 -8.44 -33.44 -21.27
N ILE A 444 -7.42 -33.69 -20.46
CA ILE A 444 -7.13 -35.01 -19.94
C ILE A 444 -7.56 -35.01 -18.48
N SER A 445 -8.56 -35.81 -18.16
CA SER A 445 -9.11 -35.87 -16.81
C SER A 445 -8.49 -37.05 -16.07
N VAL A 446 -7.88 -36.77 -14.93
CA VAL A 446 -7.25 -37.79 -14.11
C VAL A 446 -8.00 -37.82 -12.78
N ILE A 447 -8.66 -38.93 -12.51
CA ILE A 447 -9.51 -39.10 -11.33
C ILE A 447 -8.91 -40.18 -10.44
N GLU A 448 -8.75 -39.87 -9.16
CA GLU A 448 -8.22 -40.84 -8.21
C GLU A 448 -9.28 -41.89 -7.91
N LYS A 449 -9.08 -43.10 -8.43
CA LYS A 449 -10.03 -44.19 -8.23
C LYS A 449 -9.32 -45.53 -8.33
N GLN B 140 4.05 47.83 -17.90
CA GLN B 140 3.02 47.15 -18.67
C GLN B 140 1.99 46.52 -17.73
N GLY B 141 0.84 46.14 -18.28
CA GLY B 141 -0.26 45.68 -17.43
C GLY B 141 0.05 44.41 -16.67
N LEU B 142 0.79 43.49 -17.30
CA LEU B 142 1.10 42.23 -16.63
C LEU B 142 1.94 42.46 -15.39
N LEU B 143 2.84 43.46 -15.43
CA LEU B 143 3.62 43.80 -14.25
C LEU B 143 2.72 44.27 -13.12
N GLN B 144 1.72 45.09 -13.44
CA GLN B 144 0.80 45.58 -12.42
C GLN B 144 -0.02 44.44 -11.81
N ASP B 145 -0.53 43.54 -12.67
CA ASP B 145 -1.29 42.40 -12.15
C ASP B 145 -0.42 41.49 -11.29
N ILE B 146 0.84 41.26 -11.71
CA ILE B 146 1.75 40.45 -10.93
C ILE B 146 2.03 41.10 -9.59
N GLU B 147 2.20 42.43 -9.57
CA GLU B 147 2.45 43.13 -8.32
C GLU B 147 1.25 43.02 -7.38
N LYS B 148 0.03 43.17 -7.92
CA LYS B 148 -1.16 43.04 -7.08
C LYS B 148 -1.30 41.63 -6.52
N ARG B 149 -1.07 40.63 -7.37
CA ARG B 149 -1.11 39.24 -6.88
C ARG B 149 -0.03 38.99 -5.83
N ILE B 150 1.15 39.61 -6.03
CA ILE B 150 2.23 39.49 -5.05
C ILE B 150 1.79 40.07 -3.71
N LEU B 151 1.13 41.24 -3.74
CA LEU B 151 0.64 41.83 -2.49
C LEU B 151 -0.39 40.94 -1.82
N HIS B 152 -1.31 40.37 -2.60
CA HIS B 152 -2.32 39.49 -2.03
C HIS B 152 -1.70 38.27 -1.37
N TYR B 153 -0.81 37.58 -2.09
CA TYR B 153 -0.17 36.40 -1.53
C TYR B 153 0.77 36.75 -0.38
N LYS B 154 1.36 37.94 -0.41
CA LYS B 154 2.15 38.40 0.73
C LYS B 154 1.28 38.55 1.97
N GLN B 155 0.09 39.12 1.81
CA GLN B 155 -0.80 39.27 2.96
C GLN B 155 -1.22 37.91 3.50
N LEU B 156 -1.53 36.96 2.60
CA LEU B 156 -1.87 35.62 3.05
C LEU B 156 -0.69 34.95 3.77
N PHE B 157 0.51 35.09 3.22
CA PHE B 157 1.73 34.59 3.84
C PHE B 157 1.88 35.14 5.25
N PHE B 158 1.79 36.46 5.39
CA PHE B 158 1.99 37.12 6.68
C PHE B 158 0.95 36.68 7.68
N LYS B 159 -0.31 36.54 7.25
CA LYS B 159 -1.35 36.04 8.14
C LYS B 159 -1.03 34.62 8.59
N GLU B 160 -0.54 33.78 7.68
CA GLU B 160 -0.25 32.39 8.04
C GLU B 160 0.88 32.29 9.07
N GLN B 161 1.99 32.99 8.85
CA GLN B 161 3.03 32.95 9.88
C GLN B 161 2.62 33.67 11.17
N ASN B 162 1.75 34.69 11.11
CA ASN B 162 1.24 35.24 12.36
C ASN B 162 0.45 34.20 13.12
N GLU B 163 -0.41 33.45 12.42
CA GLU B 163 -1.19 32.41 13.06
C GLU B 163 -0.28 31.32 13.64
N ILE B 164 0.76 30.95 12.89
CA ILE B 164 1.69 29.92 13.36
C ILE B 164 2.42 30.38 14.62
N ALA B 165 2.87 31.64 14.62
CA ALA B 165 3.50 32.21 15.80
C ALA B 165 2.53 32.30 16.97
N ASN B 166 1.23 32.46 16.70
CA ASN B 166 0.26 32.46 17.79
C ASN B 166 0.16 31.11 18.46
N GLY B 167 0.45 30.03 17.75
CA GLY B 167 0.33 28.69 18.31
C GLY B 167 -0.52 27.76 17.47
N LYS B 168 -0.69 28.08 16.19
CA LYS B 168 -1.50 27.27 15.29
C LYS B 168 -0.96 25.84 15.22
N ARG B 169 -1.82 24.88 15.53
CA ARG B 169 -1.43 23.48 15.53
C ARG B 169 -1.44 22.93 14.10
N SER B 170 -0.85 21.75 13.96
CA SER B 170 -0.62 21.13 12.66
C SER B 170 -1.46 19.88 12.50
N MET B 171 -1.48 19.36 11.27
CA MET B 171 -2.19 18.12 10.98
C MET B 171 -1.49 16.91 11.58
N VAL B 172 -0.20 17.03 11.90
CA VAL B 172 0.58 15.93 12.49
C VAL B 172 0.12 15.74 13.93
N PRO B 173 -0.25 14.53 14.32
CA PRO B 173 -0.67 14.31 15.71
C PRO B 173 0.48 14.46 16.67
N ASP B 174 0.12 14.78 17.92
CA ASP B 174 1.08 14.70 19.00
C ASP B 174 1.38 13.22 19.30
N ASN B 175 2.30 12.98 20.24
CA ASN B 175 2.65 11.64 20.66
C ASN B 175 3.19 10.77 19.52
N SER B 176 3.59 11.38 18.41
CA SER B 176 4.27 10.68 17.33
C SER B 176 5.76 11.00 17.39
N ILE B 177 6.58 9.99 17.10
CA ILE B 177 8.04 10.14 17.19
C ILE B 177 8.65 10.08 15.80
N PRO B 178 8.80 11.21 15.12
CA PRO B 178 9.41 11.20 13.78
C PRO B 178 10.92 11.27 13.81
N ILE B 179 11.57 10.44 12.97
CA ILE B 179 13.03 10.40 12.86
C ILE B 179 13.41 10.57 11.41
N CYS B 180 14.29 11.52 11.14
CA CYS B 180 14.75 11.80 9.78
C CYS B 180 16.19 11.32 9.64
N SER B 181 16.43 10.44 8.68
CA SER B 181 17.74 9.83 8.49
C SER B 181 17.71 8.98 7.23
N ASP B 182 18.85 8.38 6.92
CA ASP B 182 18.96 7.35 5.90
C ASP B 182 19.19 6.03 6.61
N VAL B 183 18.45 4.99 6.20
CA VAL B 183 18.43 3.75 6.97
C VAL B 183 19.77 3.03 6.90
N THR B 184 20.51 3.19 5.80
CA THR B 184 21.84 2.61 5.72
C THR B 184 22.82 3.32 6.65
N LYS B 185 22.80 4.65 6.62
CA LYS B 185 23.67 5.45 7.47
C LYS B 185 23.14 5.60 8.90
N LEU B 186 21.94 5.11 9.18
CA LEU B 186 21.36 5.25 10.50
C LEU B 186 22.19 4.50 11.54
N ASN B 187 22.31 5.08 12.73
CA ASN B 187 22.97 4.42 13.84
C ASN B 187 21.90 3.63 14.59
N PHE B 188 21.66 2.40 14.14
CA PHE B 188 20.57 1.60 14.69
C PHE B 188 20.80 1.25 16.15
N GLN B 189 22.06 1.19 16.58
CA GLN B 189 22.35 0.92 18.00
C GLN B 189 21.82 2.05 18.87
N ALA B 190 21.94 3.30 18.40
CA ALA B 190 21.42 4.43 19.16
C ALA B 190 19.90 4.35 19.31
N LEU B 191 19.21 3.99 18.22
CA LEU B 191 17.75 3.84 18.28
C LEU B 191 17.35 2.71 19.21
N ILE B 192 18.05 1.58 19.14
CA ILE B 192 17.75 0.47 20.04
C ILE B 192 17.97 0.87 21.49
N ASP B 193 19.08 1.55 21.77
CA ASP B 193 19.38 1.95 23.13
C ASP B 193 18.35 2.95 23.66
N ALA B 194 17.90 3.88 22.82
CA ALA B 194 16.86 4.81 23.23
C ALA B 194 15.55 4.09 23.51
N GLN B 195 15.19 3.13 22.66
CA GLN B 195 13.96 2.37 22.87
C GLN B 195 14.02 1.57 24.17
N MET B 196 15.16 0.97 24.49
CA MET B 196 15.33 0.33 25.80
C MET B 196 15.23 1.34 26.94
N ARG B 197 15.84 2.52 26.77
CA ARG B 197 15.90 3.48 27.86
C ARG B 197 14.51 4.02 28.19
N HIS B 198 13.69 4.29 27.17
CA HIS B 198 12.39 4.90 27.42
C HIS B 198 11.29 3.85 27.54
N ALA B 199 11.07 3.07 26.48
CA ALA B 199 9.98 2.11 26.49
C ALA B 199 10.32 0.87 27.32
N GLY B 200 11.57 0.43 27.29
CA GLY B 200 11.98 -0.75 28.01
C GLY B 200 11.90 -2.05 27.22
N LYS B 201 11.33 -2.01 26.02
CA LYS B 201 11.20 -3.21 25.19
C LYS B 201 11.00 -2.77 23.74
N MET B 202 11.34 -3.67 22.82
CA MET B 202 11.39 -3.29 21.41
C MET B 202 10.00 -3.25 20.79
N PHE B 203 9.96 -3.08 19.48
CA PHE B 203 8.72 -2.77 18.78
C PHE B 203 7.87 -4.01 18.58
N ASP B 204 6.55 -3.81 18.61
CA ASP B 204 5.58 -4.89 18.50
C ASP B 204 5.20 -5.18 17.06
N VAL B 205 5.00 -4.14 16.25
CA VAL B 205 4.67 -4.29 14.84
C VAL B 205 5.66 -3.44 14.05
N ILE B 206 6.28 -4.04 13.05
CA ILE B 206 7.14 -3.33 12.11
C ILE B 206 6.47 -3.39 10.74
N MET B 207 6.31 -2.24 10.11
CA MET B 207 5.78 -2.15 8.75
C MET B 207 6.86 -1.62 7.82
N MET B 208 6.96 -2.23 6.65
CA MET B 208 7.91 -1.83 5.62
C MET B 208 7.19 -1.66 4.30
N ASP B 209 7.54 -0.60 3.57
CA ASP B 209 7.18 -0.46 2.16
C ASP B 209 8.49 -0.18 1.42
N PRO B 210 9.26 -1.23 1.15
CA PRO B 210 10.63 -1.01 0.69
C PRO B 210 10.66 -0.29 -0.65
N PRO B 211 11.69 0.51 -0.88
CA PRO B 211 11.89 1.08 -2.23
C PRO B 211 12.54 0.09 -3.17
N TRP B 212 11.73 -0.75 -3.81
CA TRP B 212 12.24 -1.78 -4.70
C TRP B 212 12.89 -1.16 -5.93
N GLN B 213 13.81 -1.91 -6.55
CA GLN B 213 14.32 -1.54 -7.86
C GLN B 213 13.38 -2.11 -8.93
N LEU B 214 12.27 -1.40 -9.12
CA LEU B 214 11.30 -1.74 -10.15
C LEU B 214 11.20 -0.72 -11.27
N SER B 215 11.53 0.54 -11.01
CA SER B 215 11.46 1.58 -12.04
C SER B 215 12.82 2.18 -12.31
N ALA B 226 11.73 2.55 -7.17
CA ALA B 226 11.26 3.90 -7.44
C ALA B 226 12.43 4.82 -7.79
N TYR B 227 12.27 6.10 -7.46
CA TYR B 227 13.32 7.09 -7.68
C TYR B 227 14.35 7.10 -6.56
N ASP B 228 14.15 6.30 -5.52
CA ASP B 228 15.01 6.23 -4.35
C ASP B 228 15.22 4.79 -3.92
N SER B 229 15.36 3.91 -4.91
CA SER B 229 15.36 2.47 -4.66
C SER B 229 16.59 2.03 -3.88
N LEU B 230 16.56 0.77 -3.44
CA LEU B 230 17.68 0.12 -2.79
C LEU B 230 17.82 -1.29 -3.32
N SER B 231 19.04 -1.82 -3.27
CA SER B 231 19.25 -3.19 -3.71
C SER B 231 18.62 -4.17 -2.74
N ASP B 232 18.33 -5.38 -3.24
CA ASP B 232 17.72 -6.40 -2.40
C ASP B 232 18.66 -6.82 -1.27
N GLU B 233 19.97 -6.82 -1.54
CA GLU B 233 20.93 -7.20 -0.51
C GLU B 233 21.09 -6.12 0.55
N LYS B 234 20.96 -4.85 0.15
CA LYS B 234 21.01 -3.76 1.13
C LYS B 234 19.81 -3.82 2.08
N ILE B 235 18.62 -4.09 1.55
CA ILE B 235 17.45 -4.28 2.39
C ILE B 235 17.60 -5.52 3.25
N GLN B 236 18.20 -6.58 2.69
CA GLN B 236 18.47 -7.77 3.48
C GLN B 236 19.50 -7.51 4.57
N ASN B 237 20.42 -6.57 4.35
CA ASN B 237 21.46 -6.25 5.31
C ASN B 237 20.96 -5.42 6.48
N MET B 238 19.71 -4.97 6.46
CA MET B 238 19.17 -4.19 7.57
C MET B 238 19.15 -5.05 8.85
N PRO B 239 19.43 -4.45 10.00
CA PRO B 239 19.44 -5.19 11.28
C PRO B 239 18.03 -5.43 11.83
N ILE B 240 17.15 -5.91 10.96
CA ILE B 240 15.76 -6.16 11.37
C ILE B 240 15.68 -7.21 12.46
N GLN B 241 16.64 -8.13 12.51
CA GLN B 241 16.66 -9.15 13.55
C GLN B 241 16.84 -8.56 14.93
N SER B 242 17.42 -7.35 15.03
CA SER B 242 17.66 -6.71 16.31
C SER B 242 16.54 -5.78 16.72
N LEU B 243 15.79 -5.21 15.77
CA LEU B 243 14.72 -4.29 16.10
C LEU B 243 13.51 -4.99 16.69
N GLN B 244 13.41 -6.30 16.56
CA GLN B 244 12.23 -7.02 17.00
C GLN B 244 12.63 -8.42 17.46
N GLN B 245 11.97 -8.92 18.48
CA GLN B 245 12.19 -10.29 18.92
C GLN B 245 10.90 -11.09 19.02
N ASP B 246 9.79 -10.44 19.36
CA ASP B 246 8.50 -11.11 19.59
C ASP B 246 7.41 -10.22 18.98
N GLY B 247 7.07 -10.46 17.73
CA GLY B 247 6.02 -9.67 17.12
C GLY B 247 5.87 -9.91 15.64
N PHE B 248 5.14 -9.00 15.00
CA PHE B 248 4.74 -9.10 13.60
C PHE B 248 5.61 -8.21 12.74
N ILE B 249 5.65 -8.54 11.44
CA ILE B 249 6.24 -7.68 10.43
C ILE B 249 5.28 -7.61 9.25
N PHE B 250 5.10 -6.41 8.72
CA PHE B 250 4.16 -6.14 7.63
C PHE B 250 4.98 -5.61 6.46
N VAL B 251 5.17 -6.42 5.43
CA VAL B 251 5.96 -6.02 4.27
C VAL B 251 5.03 -5.95 3.07
N TRP B 252 4.96 -4.77 2.45
CA TRP B 252 4.16 -4.58 1.24
C TRP B 252 5.00 -5.03 0.05
N ALA B 253 4.59 -6.11 -0.60
CA ALA B 253 5.33 -6.71 -1.70
C ALA B 253 4.59 -6.47 -3.01
N ILE B 254 5.34 -6.09 -4.05
CA ILE B 254 4.80 -6.01 -5.40
C ILE B 254 4.88 -7.39 -6.04
N ASN B 255 4.19 -7.56 -7.17
CA ASN B 255 4.18 -8.87 -7.82
C ASN B 255 5.58 -9.28 -8.27
N ALA B 256 6.35 -8.34 -8.80
CA ALA B 256 7.71 -8.65 -9.24
C ALA B 256 8.64 -9.03 -8.09
N LYS B 257 8.29 -8.68 -6.86
CA LYS B 257 9.14 -8.93 -5.70
C LYS B 257 8.43 -9.81 -4.67
N TYR B 258 7.47 -10.62 -5.11
CA TYR B 258 6.78 -11.55 -4.21
C TYR B 258 7.74 -12.61 -3.69
N ARG B 259 8.49 -13.25 -4.58
CA ARG B 259 9.38 -14.34 -4.21
C ARG B 259 10.53 -13.85 -3.33
N VAL B 260 11.16 -12.73 -3.70
CA VAL B 260 12.27 -12.22 -2.89
C VAL B 260 11.75 -11.73 -1.55
N THR B 261 10.52 -11.22 -1.49
CA THR B 261 9.94 -10.84 -0.21
C THR B 261 9.75 -12.05 0.69
N ILE B 262 9.25 -13.15 0.13
CA ILE B 262 9.12 -14.38 0.92
C ILE B 262 10.50 -14.84 1.39
N LYS B 263 11.50 -14.75 0.53
CA LYS B 263 12.86 -15.16 0.90
C LYS B 263 13.43 -14.30 2.02
N MET B 264 13.27 -12.98 1.94
CA MET B 264 13.78 -12.11 3.00
C MET B 264 13.05 -12.34 4.31
N ILE B 265 11.73 -12.50 4.26
CA ILE B 265 10.98 -12.76 5.48
C ILE B 265 11.44 -14.06 6.11
N GLU B 266 11.76 -15.06 5.29
CA GLU B 266 12.33 -16.30 5.82
C GLU B 266 13.72 -16.07 6.43
N ASN B 267 14.57 -15.31 5.74
CA ASN B 267 15.94 -15.14 6.18
C ASN B 267 16.02 -14.34 7.48
N TRP B 268 15.13 -13.36 7.65
CA TRP B 268 15.12 -12.52 8.84
C TRP B 268 14.66 -13.29 10.08
N GLY B 269 14.20 -14.53 9.92
CA GLY B 269 13.77 -15.33 11.05
C GLY B 269 12.28 -15.38 11.28
N TYR B 270 11.48 -14.93 10.32
CA TYR B 270 10.03 -14.92 10.44
C TYR B 270 9.43 -16.15 9.75
N LYS B 271 8.17 -16.42 10.08
CA LYS B 271 7.38 -17.44 9.42
C LYS B 271 6.20 -16.78 8.72
N LEU B 272 6.08 -16.99 7.42
CA LEU B 272 4.97 -16.43 6.65
C LEU B 272 3.68 -17.12 7.06
N VAL B 273 2.77 -16.38 7.70
CA VAL B 273 1.53 -16.97 8.20
C VAL B 273 0.27 -16.32 7.63
N ASP B 274 0.36 -15.16 6.99
CA ASP B 274 -0.84 -14.44 6.59
C ASP B 274 -0.50 -13.49 5.47
N GLU B 275 -1.54 -12.88 4.90
CA GLU B 275 -1.37 -11.96 3.79
C GLU B 275 -2.68 -11.20 3.63
N ILE B 276 -2.59 -9.88 3.65
CA ILE B 276 -3.75 -8.99 3.54
C ILE B 276 -3.77 -8.41 2.13
N THR B 277 -4.91 -8.56 1.46
CA THR B 277 -5.11 -8.04 0.13
C THR B 277 -5.89 -6.74 0.20
N TRP B 278 -5.37 -5.69 -0.42
CA TRP B 278 -6.05 -4.41 -0.53
C TRP B 278 -6.61 -4.31 -1.94
N VAL B 279 -7.94 -4.41 -2.06
CA VAL B 279 -8.61 -4.27 -3.35
C VAL B 279 -9.01 -2.82 -3.53
N LYS B 280 -8.58 -2.23 -4.64
CA LYS B 280 -8.76 -0.80 -4.84
C LYS B 280 -10.16 -0.49 -5.34
N LYS B 281 -10.78 0.52 -4.75
CA LYS B 281 -12.11 0.97 -5.12
C LYS B 281 -12.02 2.32 -5.81
N THR B 282 -13.06 2.65 -6.56
CA THR B 282 -13.19 3.95 -7.19
C THR B 282 -14.13 4.83 -6.37
N VAL B 283 -14.28 6.08 -6.81
CA VAL B 283 -15.23 6.98 -6.16
C VAL B 283 -16.65 6.47 -6.36
N ASN B 284 -16.94 5.89 -7.52
CA ASN B 284 -18.26 5.32 -7.78
C ASN B 284 -18.53 4.07 -6.96
N GLY B 285 -17.48 3.42 -6.44
CA GLY B 285 -17.63 2.18 -5.72
C GLY B 285 -17.29 0.93 -6.49
N LYS B 286 -16.68 1.06 -7.67
CA LYS B 286 -16.33 -0.07 -8.52
C LYS B 286 -14.87 -0.46 -8.33
N ILE B 287 -14.49 -1.58 -8.95
CA ILE B 287 -13.12 -2.05 -8.88
C ILE B 287 -12.23 -1.20 -9.78
N ALA B 288 -11.10 -0.77 -9.26
CA ALA B 288 -10.10 -0.05 -10.05
C ALA B 288 -9.24 -1.06 -10.80
N LYS B 289 -9.05 -0.83 -12.10
CA LYS B 289 -8.33 -1.75 -12.95
C LYS B 289 -6.83 -1.57 -12.74
N GLY B 290 -6.03 -2.21 -13.59
CA GLY B 290 -4.60 -2.08 -13.50
C GLY B 290 -3.91 -2.72 -14.67
N HIS B 291 -2.60 -2.93 -14.52
CA HIS B 291 -1.79 -3.51 -15.56
C HIS B 291 -0.99 -4.69 -15.00
N GLY B 292 -0.80 -5.70 -15.83
CA GLY B 292 -0.01 -6.87 -15.46
C GLY B 292 0.55 -7.54 -16.70
N PHE B 293 1.04 -8.77 -16.56
CA PHE B 293 1.56 -9.52 -17.70
C PHE B 293 0.66 -10.68 -18.11
N TYR B 294 0.15 -11.45 -17.16
CA TYR B 294 -0.82 -12.49 -17.45
C TYR B 294 -2.24 -12.06 -17.17
N LEU B 295 -2.46 -11.31 -16.09
CA LEU B 295 -3.78 -10.85 -15.69
C LEU B 295 -3.70 -9.37 -15.33
N GLN B 296 -4.86 -8.73 -15.28
CA GLN B 296 -4.94 -7.35 -14.83
C GLN B 296 -4.82 -7.29 -13.31
N HIS B 297 -3.98 -6.40 -12.82
CA HIS B 297 -3.74 -6.28 -11.38
C HIS B 297 -4.75 -5.33 -10.76
N ALA B 298 -5.50 -5.82 -9.77
CA ALA B 298 -6.48 -4.98 -9.08
C ALA B 298 -6.32 -5.05 -7.57
N LYS B 299 -5.16 -5.49 -7.08
CA LYS B 299 -4.94 -5.63 -5.65
C LYS B 299 -3.45 -5.49 -5.35
N GLU B 300 -3.15 -5.24 -4.08
CA GLU B 300 -1.79 -5.23 -3.58
C GLU B 300 -1.69 -6.13 -2.35
N SER B 301 -0.50 -6.68 -2.15
CA SER B 301 -0.26 -7.71 -1.15
C SER B 301 0.57 -7.15 -0.01
N CYS B 302 0.16 -7.45 1.22
CA CYS B 302 0.93 -7.14 2.42
C CYS B 302 1.25 -8.47 3.09
N LEU B 303 2.42 -9.02 2.78
CA LEU B 303 2.83 -10.27 3.39
C LEU B 303 3.11 -10.06 4.87
N ILE B 304 2.66 -10.98 5.71
CA ILE B 304 2.71 -10.84 7.15
C ILE B 304 3.43 -12.04 7.73
N GLY B 305 4.65 -11.82 8.22
CA GLY B 305 5.38 -12.83 8.95
C GLY B 305 5.28 -12.61 10.45
N VAL B 306 5.77 -13.59 11.19
CA VAL B 306 5.72 -13.54 12.64
C VAL B 306 6.90 -14.33 13.20
N LYS B 307 7.47 -13.84 14.30
CA LYS B 307 8.56 -14.53 14.98
C LYS B 307 8.38 -14.40 16.48
N GLY B 308 8.90 -15.37 17.21
CA GLY B 308 8.90 -15.32 18.66
C GLY B 308 7.51 -15.45 19.24
N ASP B 309 7.46 -15.37 20.57
CA ASP B 309 6.18 -15.42 21.28
C ASP B 309 5.32 -14.24 20.90
N VAL B 310 4.23 -14.51 20.18
CA VAL B 310 3.38 -13.46 19.65
C VAL B 310 1.99 -13.46 20.29
N ASP B 311 1.63 -14.47 21.05
CA ASP B 311 0.38 -14.49 21.81
C ASP B 311 0.76 -14.39 23.29
N ASN B 312 0.93 -13.15 23.75
CA ASN B 312 1.37 -12.88 25.12
C ASN B 312 0.54 -11.79 25.77
N GLY B 313 -0.77 -11.77 25.49
CA GLY B 313 -1.66 -10.82 26.11
C GLY B 313 -1.68 -9.43 25.51
N ARG B 314 -1.00 -9.22 24.38
CA ARG B 314 -1.01 -7.93 23.71
C ARG B 314 -1.25 -8.00 22.22
N PHE B 315 -1.54 -9.17 21.66
CA PHE B 315 -1.96 -9.32 20.28
C PHE B 315 -3.31 -10.03 20.25
N LYS B 316 -4.15 -9.64 19.30
CA LYS B 316 -5.52 -10.13 19.20
C LYS B 316 -5.68 -10.99 17.96
N LYS B 317 -6.33 -12.14 18.14
CA LYS B 317 -6.52 -13.13 17.09
C LYS B 317 -7.92 -13.06 16.49
N ASN B 318 -8.00 -13.31 15.18
CA ASN B 318 -9.27 -13.45 14.47
C ASN B 318 -10.10 -12.17 14.57
N ILE B 319 -9.51 -11.09 14.04
CA ILE B 319 -9.98 -9.73 14.29
C ILE B 319 -10.73 -9.16 13.09
N ALA B 320 -10.05 -9.03 11.95
CA ALA B 320 -10.62 -8.30 10.82
C ALA B 320 -10.29 -9.05 9.54
N SER B 321 -11.01 -8.71 8.48
CA SER B 321 -10.85 -9.42 7.23
C SER B 321 -9.46 -9.21 6.65
N ASP B 322 -9.04 -10.17 5.83
CA ASP B 322 -7.81 -10.07 5.07
C ASP B 322 -8.00 -9.32 3.75
N VAL B 323 -9.12 -8.63 3.59
CA VAL B 323 -9.41 -7.84 2.40
C VAL B 323 -9.73 -6.42 2.84
N ILE B 324 -9.12 -5.45 2.18
CA ILE B 324 -9.44 -4.04 2.34
C ILE B 324 -10.00 -3.55 1.02
N PHE B 325 -11.25 -3.12 1.02
CA PHE B 325 -11.91 -2.62 -0.18
C PHE B 325 -12.11 -1.11 0.03
N SER B 326 -11.10 -0.33 -0.36
CA SER B 326 -11.07 1.10 -0.07
C SER B 326 -10.60 1.86 -1.30
N GLU B 327 -10.95 3.14 -1.33
CA GLU B 327 -10.64 3.99 -2.48
C GLU B 327 -9.13 4.27 -2.57
N ARG B 328 -8.68 4.51 -3.79
CA ARG B 328 -7.28 4.81 -4.04
C ARG B 328 -7.00 6.27 -3.71
N ARG B 329 -6.15 6.49 -2.73
CA ARG B 329 -5.72 7.83 -2.34
C ARG B 329 -4.50 8.23 -3.17
N GLY B 330 -3.76 9.25 -2.74
CA GLY B 330 -2.56 9.68 -3.41
C GLY B 330 -1.60 8.55 -3.74
N GLN B 331 -0.72 8.78 -4.73
CA GLN B 331 0.11 7.71 -5.27
C GLN B 331 0.95 7.04 -4.19
N SER B 332 0.98 5.72 -4.21
CA SER B 332 1.76 4.87 -3.32
C SER B 332 1.37 5.02 -1.85
N GLN B 333 0.19 5.55 -1.57
CA GLN B 333 -0.27 5.73 -0.20
C GLN B 333 -1.15 4.54 0.18
N LYS B 334 -0.77 3.85 1.25
CA LYS B 334 -1.52 2.69 1.69
C LYS B 334 -2.81 3.14 2.37
N PRO B 335 -3.84 2.28 2.38
CA PRO B 335 -5.12 2.68 2.96
C PRO B 335 -4.99 2.96 4.46
N GLU B 336 -5.84 3.86 4.94
CA GLU B 336 -5.83 4.22 6.35
C GLU B 336 -6.33 3.09 7.24
N GLU B 337 -7.12 2.16 6.70
CA GLU B 337 -7.66 1.07 7.49
C GLU B 337 -6.60 0.07 7.94
N ILE B 338 -5.41 0.10 7.34
CA ILE B 338 -4.35 -0.79 7.80
C ILE B 338 -3.94 -0.44 9.23
N TYR B 339 -3.94 0.86 9.56
CA TYR B 339 -3.62 1.26 10.92
C TYR B 339 -4.71 0.87 11.89
N GLN B 340 -5.97 0.93 11.47
CA GLN B 340 -7.06 0.45 12.31
C GLN B 340 -6.98 -1.05 12.53
N TYR B 341 -6.60 -1.79 11.49
CA TYR B 341 -6.42 -3.24 11.63
C TYR B 341 -5.27 -3.55 12.58
N ILE B 342 -4.18 -2.78 12.51
CA ILE B 342 -3.07 -2.99 13.42
C ILE B 342 -3.46 -2.62 14.85
N ASN B 343 -4.29 -1.59 15.01
CA ASN B 343 -4.80 -1.25 16.33
C ASN B 343 -5.69 -2.36 16.89
N GLN B 344 -6.48 -2.99 16.03
CA GLN B 344 -7.26 -4.15 16.45
C GLN B 344 -6.35 -5.34 16.78
N LEU B 345 -5.25 -5.50 16.05
CA LEU B 345 -4.32 -6.59 16.29
C LEU B 345 -3.51 -6.35 17.56
N CYS B 346 -2.88 -5.19 17.66
CA CYS B 346 -2.12 -4.81 18.85
C CYS B 346 -2.66 -3.50 19.41
N PRO B 347 -3.51 -3.54 20.44
CA PRO B 347 -3.98 -2.29 21.06
C PRO B 347 -2.86 -1.58 21.81
N ASN B 348 -2.76 -0.27 21.60
CA ASN B 348 -1.87 0.65 22.31
C ASN B 348 -0.49 0.05 22.61
N GLY B 349 0.20 -0.35 21.55
CA GLY B 349 1.54 -0.88 21.66
C GLY B 349 2.56 -0.01 20.94
N ASN B 350 3.81 -0.48 20.96
CA ASN B 350 4.91 0.20 20.31
C ASN B 350 5.01 -0.28 18.87
N TYR B 351 4.98 0.67 17.92
CA TYR B 351 5.07 0.33 16.52
C TYR B 351 6.18 1.14 15.87
N LEU B 352 6.86 0.52 14.91
CA LEU B 352 7.91 1.15 14.14
C LEU B 352 7.60 0.97 12.68
N GLU B 353 7.70 2.03 11.89
CA GLU B 353 7.42 1.97 10.47
C GLU B 353 8.62 2.55 9.73
N ILE B 354 9.10 1.83 8.72
CA ILE B 354 10.31 2.20 8.00
C ILE B 354 9.94 2.69 6.61
N PHE B 355 10.76 3.60 6.07
CA PHE B 355 10.50 4.26 4.79
C PHE B 355 9.21 5.07 4.85
N ALA B 356 9.03 5.81 5.95
CA ALA B 356 7.81 6.56 6.21
C ALA B 356 7.81 7.92 5.52
N ARG B 357 6.62 8.38 5.18
CA ARG B 357 6.37 9.75 4.74
C ARG B 357 5.57 10.49 5.80
N ARG B 358 5.44 11.80 5.60
CA ARG B 358 4.78 12.64 6.59
C ARG B 358 3.29 12.36 6.71
N ASN B 359 2.68 11.76 5.70
CA ASN B 359 1.28 11.36 5.80
C ASN B 359 1.08 10.06 6.59
N ASN B 360 2.17 9.39 6.97
CA ASN B 360 2.10 8.16 7.74
C ASN B 360 2.28 8.38 9.24
N LEU B 361 2.35 9.64 9.66
CA LEU B 361 2.61 9.96 11.07
C LEU B 361 1.35 9.72 11.89
N HIS B 362 1.45 8.86 12.90
CA HIS B 362 0.32 8.50 13.72
C HIS B 362 0.74 8.47 15.18
N ASP B 363 -0.24 8.51 16.08
CA ASP B 363 0.04 8.39 17.49
C ASP B 363 0.77 7.09 17.78
N ASN B 364 1.78 7.16 18.66
CA ASN B 364 2.51 6.03 19.21
C ASN B 364 3.44 5.38 18.19
N TRP B 365 3.51 5.88 16.96
CA TRP B 365 4.29 5.27 15.90
C TRP B 365 5.63 5.98 15.76
N VAL B 366 6.72 5.22 15.93
CA VAL B 366 8.05 5.70 15.56
C VAL B 366 8.23 5.51 14.07
N SER B 367 8.61 6.58 13.37
CA SER B 367 8.70 6.56 11.93
C SER B 367 10.08 6.99 11.46
N ILE B 368 10.62 6.29 10.47
CA ILE B 368 11.94 6.55 9.92
C ILE B 368 11.81 6.75 8.43
N GLY B 369 12.35 7.85 7.92
CA GLY B 369 12.29 8.13 6.50
C GLY B 369 13.14 9.32 6.12
N ASN B 370 13.46 9.42 4.83
CA ASN B 370 14.24 10.55 4.34
C ASN B 370 13.43 11.84 4.37
N GLU B 371 12.21 11.82 3.83
CA GLU B 371 11.35 13.00 3.82
C GLU B 371 10.66 13.27 5.14
N LEU B 372 10.30 12.22 5.87
CA LEU B 372 9.79 12.38 7.23
C LEU B 372 10.90 12.78 8.17
N THR C 152 0.85 31.48 -18.80
CA THR C 152 1.14 30.61 -17.66
C THR C 152 1.15 31.40 -16.36
N LEU C 153 0.16 32.28 -16.19
CA LEU C 153 0.08 33.07 -14.97
C LEU C 153 -0.78 32.37 -13.92
N GLU C 154 -1.90 31.77 -14.33
CA GLU C 154 -2.83 31.16 -13.39
C GLU C 154 -2.31 29.85 -12.81
N ASP C 155 -1.49 29.12 -13.56
CA ASP C 155 -1.01 27.81 -13.13
C ASP C 155 -0.03 27.88 -11.96
N ILE C 156 0.42 29.08 -11.58
CA ILE C 156 1.45 29.19 -10.55
C ILE C 156 0.90 28.81 -9.19
N GLU C 157 -0.41 28.96 -8.99
CA GLU C 157 -1.03 28.79 -7.69
C GLU C 157 -2.13 27.74 -7.67
N ASN C 158 -2.43 27.10 -8.82
CA ASN C 158 -3.48 26.09 -8.84
C ASN C 158 -3.15 24.91 -7.93
N GLU C 159 -1.90 24.44 -7.98
CA GLU C 159 -1.47 23.41 -7.06
C GLU C 159 -1.42 23.97 -5.63
N LYS C 160 -1.75 23.11 -4.67
CA LYS C 160 -1.69 23.51 -3.27
C LYS C 160 -0.27 23.30 -2.76
N PHE C 161 0.31 24.36 -2.20
CA PHE C 161 1.67 24.34 -1.68
C PHE C 161 1.67 24.63 -0.19
N THR C 162 2.87 24.75 0.37
CA THR C 162 3.01 25.33 1.69
C THR C 162 2.96 26.86 1.58
N ASN C 163 2.89 27.51 2.73
CA ASN C 163 2.73 28.97 2.73
C ASN C 163 3.92 29.67 2.08
N LEU C 164 5.12 29.16 2.27
CA LEU C 164 6.29 29.82 1.67
C LEU C 164 6.40 29.57 0.17
N GLU C 165 6.06 28.36 -0.28
CA GLU C 165 6.26 27.95 -1.66
C GLU C 165 5.25 28.56 -2.63
N ILE C 166 4.15 29.14 -2.14
CA ILE C 166 3.07 29.60 -3.02
C ILE C 166 3.57 30.58 -4.07
N LEU C 167 4.70 31.25 -3.80
CA LEU C 167 5.35 32.08 -4.81
C LEU C 167 6.38 31.26 -5.59
N THR C 168 5.94 30.12 -6.15
CA THR C 168 6.89 29.17 -6.73
C THR C 168 7.60 29.71 -7.96
N HIS C 169 7.09 30.79 -8.56
CA HIS C 169 7.80 31.50 -9.60
C HIS C 169 7.87 33.00 -9.37
N LEU C 170 7.02 33.55 -8.50
CA LEU C 170 7.15 34.95 -8.13
C LEU C 170 8.50 35.23 -7.48
N TYR C 171 9.15 34.20 -6.94
CA TYR C 171 10.54 34.32 -6.53
C TYR C 171 11.40 34.87 -7.67
N ASN C 172 11.31 34.25 -8.84
CA ASN C 172 12.08 34.70 -9.99
C ASN C 172 11.33 35.72 -10.84
N LEU C 173 9.99 35.73 -10.78
CA LEU C 173 9.26 36.82 -11.41
C LEU C 173 9.59 38.16 -10.79
N LYS C 174 10.05 38.16 -9.54
CA LYS C 174 10.51 39.39 -8.90
C LYS C 174 11.65 40.04 -9.68
N ALA C 175 12.50 39.23 -10.31
CA ALA C 175 13.55 39.75 -11.18
C ALA C 175 13.13 39.80 -12.65
N GLU C 176 12.18 38.96 -13.04
CA GLU C 176 11.65 39.02 -14.40
C GLU C 176 11.00 40.37 -14.67
N ILE C 177 10.25 40.88 -13.71
CA ILE C 177 9.62 42.20 -13.87
C ILE C 177 10.69 43.27 -14.02
N VAL C 178 11.76 43.18 -13.22
CA VAL C 178 12.82 44.19 -13.27
C VAL C 178 13.51 44.15 -14.62
N ARG C 179 13.83 42.95 -15.12
CA ARG C 179 14.55 42.86 -16.39
C ARG C 179 13.66 43.30 -17.55
N ARG C 180 12.35 42.99 -17.48
CA ARG C 180 11.46 43.39 -18.57
C ARG C 180 11.17 44.87 -18.53
N LEU C 181 11.24 45.50 -17.35
CA LEU C 181 11.13 46.95 -17.29
C LEU C 181 12.42 47.62 -17.75
N ALA C 182 13.56 46.97 -17.54
CA ALA C 182 14.83 47.53 -18.00
C ALA C 182 14.86 47.66 -19.51
N GLU C 183 14.37 46.66 -20.23
CA GLU C 183 14.32 46.72 -21.69
C GLU C 183 12.92 46.36 -22.19
N PRO D 40 6.46 2.22 27.75
CA PRO D 40 5.82 2.60 29.01
C PRO D 40 4.41 3.13 28.82
N LEU D 41 3.62 3.14 29.90
CA LEU D 41 2.22 3.55 29.82
C LEU D 41 2.06 5.06 29.99
N ASP D 42 2.83 5.83 29.21
CA ASP D 42 2.63 7.27 29.13
C ASP D 42 3.21 7.71 27.79
N PHE D 43 2.35 7.81 26.77
CA PHE D 43 2.85 8.06 25.43
C PHE D 43 3.20 9.52 25.18
N THR D 44 2.63 10.45 25.96
CA THR D 44 3.06 11.84 25.86
C THR D 44 4.51 12.00 26.31
N GLN D 45 4.83 11.50 27.51
CA GLN D 45 6.18 11.63 28.02
C GLN D 45 7.16 10.74 27.28
N TYR D 46 6.71 9.54 26.89
CA TYR D 46 7.54 8.66 26.08
C TYR D 46 7.89 9.31 24.76
N ALA D 47 6.90 9.92 24.10
CA ALA D 47 7.16 10.61 22.84
C ALA D 47 8.07 11.81 23.05
N LYS D 48 7.90 12.53 24.15
CA LYS D 48 8.78 13.66 24.44
C LYS D 48 10.23 13.22 24.58
N ASN D 49 10.47 12.16 25.36
CA ASN D 49 11.83 11.69 25.57
C ASN D 49 12.44 11.15 24.27
N MET D 50 11.66 10.36 23.52
CA MET D 50 12.18 9.79 22.28
C MET D 50 12.46 10.88 21.26
N ARG D 51 11.64 11.93 21.22
CA ARG D 51 11.89 13.04 20.31
C ARG D 51 13.10 13.86 20.77
N LYS D 52 13.32 13.96 22.08
CA LYS D 52 14.52 14.62 22.56
C LYS D 52 15.79 13.89 22.15
N ASP D 53 15.80 12.56 22.25
CA ASP D 53 17.02 11.81 21.96
C ASP D 53 17.23 11.47 20.49
N LEU D 54 16.19 11.18 19.72
CA LEU D 54 16.36 10.65 18.38
C LEU D 54 15.88 11.57 17.27
N SER D 55 15.26 12.69 17.58
CA SER D 55 14.74 13.59 16.56
C SER D 55 15.62 14.81 16.42
N ASN D 56 15.45 15.51 15.30
CA ASN D 56 16.22 16.71 15.04
C ASN D 56 15.85 17.82 16.01
N GLN D 57 16.71 18.83 16.08
CA GLN D 57 16.38 20.01 16.87
C GLN D 57 15.29 20.83 16.19
N ASP D 58 15.16 20.71 14.88
CA ASP D 58 14.09 21.38 14.13
C ASP D 58 12.77 20.65 14.19
N ILE D 59 12.74 19.45 14.77
CA ILE D 59 11.51 18.69 14.94
C ILE D 59 11.04 18.68 16.39
N CYS D 60 11.92 18.92 17.34
CA CYS D 60 11.58 18.87 18.76
C CYS D 60 11.90 20.20 19.41
N LEU D 61 11.13 20.53 20.44
CA LEU D 61 11.39 21.71 21.25
C LEU D 61 12.32 21.34 22.41
N GLU D 62 12.71 22.37 23.18
CA GLU D 62 13.65 22.16 24.27
C GLU D 62 13.10 21.22 25.33
N ASP D 63 11.81 21.38 25.66
CA ASP D 63 11.18 20.54 26.67
C ASP D 63 10.74 19.18 26.13
N GLY D 64 10.81 18.97 24.82
CA GLY D 64 10.41 17.72 24.22
C GLY D 64 9.12 17.74 23.44
N ALA D 65 8.58 18.92 23.13
CA ALA D 65 7.31 19.06 22.43
C ALA D 65 7.54 19.17 20.94
N LEU D 66 6.54 18.72 20.17
CA LEU D 66 6.61 18.83 18.72
C LEU D 66 6.65 20.29 18.30
N ASN D 67 7.54 20.60 17.38
CA ASN D 67 7.62 21.93 16.78
C ASN D 67 6.63 21.96 15.62
N HIS D 68 5.39 22.33 15.92
CA HIS D 68 4.32 22.27 14.94
C HIS D 68 4.57 23.18 13.75
N SER D 69 5.39 24.21 13.91
CA SER D 69 5.76 25.06 12.79
C SER D 69 6.53 24.27 11.73
N TYR D 70 7.32 23.28 12.16
CA TYR D 70 8.08 22.48 11.21
C TYR D 70 7.15 21.67 10.31
N PHE D 71 6.10 21.10 10.88
CA PHE D 71 5.17 20.27 10.13
C PHE D 71 4.08 21.06 9.43
N LEU D 72 4.00 22.37 9.64
CA LEU D 72 3.09 23.23 8.90
C LEU D 72 3.73 23.79 7.64
N THR D 73 4.95 23.38 7.33
CA THR D 73 5.65 23.82 6.13
C THR D 73 6.29 22.61 5.46
N LYS D 74 6.54 22.75 4.16
CA LYS D 74 7.18 21.69 3.41
C LYS D 74 8.60 21.47 3.90
N LYS D 75 9.07 20.23 3.76
CA LYS D 75 10.40 19.87 4.27
C LYS D 75 11.48 20.66 3.53
N GLY D 76 12.50 21.09 4.29
CA GLY D 76 13.59 21.85 3.72
C GLY D 76 13.33 23.33 3.56
N GLN D 77 12.19 23.83 4.04
CA GLN D 77 11.86 25.24 3.95
C GLN D 77 11.53 25.84 5.30
N TYR D 78 11.83 25.15 6.39
CA TYR D 78 11.51 25.65 7.73
C TYR D 78 12.51 26.72 8.14
N TRP D 79 11.99 27.84 8.64
CA TRP D 79 12.82 28.95 9.10
C TRP D 79 13.12 28.75 10.59
N THR D 80 14.36 28.44 10.90
CA THR D 80 14.75 28.16 12.28
C THR D 80 15.01 29.45 13.05
N PRO D 81 14.93 29.41 14.38
CA PRO D 81 15.35 30.57 15.17
C PRO D 81 16.79 30.97 14.93
N LEU D 82 17.64 30.01 14.59
CA LEU D 82 19.00 30.34 14.18
C LEU D 82 19.01 31.22 12.94
N ASN D 83 18.11 30.95 12.00
CA ASN D 83 18.00 31.78 10.81
C ASN D 83 17.53 33.19 11.17
N GLN D 84 16.60 33.30 12.11
CA GLN D 84 16.15 34.63 12.55
C GLN D 84 17.28 35.41 13.21
N LYS D 85 18.05 34.73 14.08
CA LYS D 85 19.18 35.39 14.72
C LYS D 85 20.22 35.81 13.69
N ALA D 86 20.50 34.96 12.71
CA ALA D 86 21.45 35.30 11.66
C ALA D 86 20.96 36.47 10.83
N LEU D 87 19.65 36.53 10.56
CA LEU D 87 19.09 37.64 9.81
C LEU D 87 19.23 38.95 10.59
N GLN D 88 18.93 38.93 11.88
CA GLN D 88 19.08 40.14 12.69
C GLN D 88 20.55 40.56 12.79
N ARG D 89 21.44 39.59 12.92
CA ARG D 89 22.87 39.88 12.97
C ARG D 89 23.36 40.47 11.65
N GLY D 90 22.88 39.96 10.52
CA GLY D 90 23.23 40.56 9.24
C GLY D 90 22.67 41.95 9.08
N ILE D 91 21.46 42.18 9.58
CA ILE D 91 20.86 43.51 9.50
C ILE D 91 21.67 44.52 10.31
N GLU D 92 22.06 44.15 11.53
CA GLU D 92 22.87 45.06 12.32
C GLU D 92 24.27 45.21 11.74
N LEU D 93 24.76 44.16 11.06
CA LEU D 93 26.08 44.23 10.43
C LEU D 93 26.08 45.14 9.20
N PHE D 94 25.09 44.96 8.32
CA PHE D 94 25.10 45.62 7.02
C PHE D 94 23.90 46.51 6.76
N GLY D 95 22.75 46.21 7.36
CA GLY D 95 21.54 46.99 7.10
C GLY D 95 20.59 46.27 6.17
N VAL D 96 19.48 46.94 5.89
CA VAL D 96 18.47 46.39 5.00
C VAL D 96 19.06 46.24 3.61
N GLY D 97 19.44 47.36 3.00
CA GLY D 97 20.14 47.40 1.72
C GLY D 97 19.72 46.36 0.70
N ASN D 98 20.70 45.70 0.10
CA ASN D 98 20.46 44.55 -0.75
C ASN D 98 20.83 43.27 -0.01
N TRP D 99 20.23 42.17 -0.44
CA TRP D 99 20.38 40.88 0.24
C TRP D 99 21.42 39.99 -0.43
N LYS D 100 22.21 40.53 -1.35
CA LYS D 100 23.23 39.71 -2.02
C LYS D 100 24.36 39.35 -1.07
N GLU D 101 24.81 40.30 -0.25
CA GLU D 101 25.91 40.04 0.66
C GLU D 101 25.55 39.00 1.71
N ILE D 102 24.32 39.06 2.24
CA ILE D 102 23.91 38.12 3.27
C ILE D 102 23.87 36.70 2.70
N ASN D 103 23.61 36.57 1.40
CA ASN D 103 23.64 35.27 0.74
C ASN D 103 25.03 34.86 0.30
N TYR D 104 26.02 35.74 0.41
CA TYR D 104 27.40 35.40 0.08
C TYR D 104 28.17 34.84 1.27
N ASP D 105 28.18 35.58 2.39
CA ASP D 105 28.82 35.09 3.60
C ASP D 105 28.07 33.91 4.22
N GLU D 106 26.84 33.66 3.77
CA GLU D 106 26.11 32.43 4.09
C GLU D 106 25.93 32.26 5.60
N PHE D 107 25.20 33.20 6.20
CA PHE D 107 24.85 33.06 7.61
C PHE D 107 23.87 31.91 7.85
N SER D 108 22.96 31.66 6.92
CA SER D 108 21.90 30.68 7.12
C SER D 108 22.14 29.35 6.41
N GLY D 109 23.19 29.23 5.61
CA GLY D 109 23.45 28.00 4.89
C GLY D 109 22.78 27.95 3.54
N LYS D 110 22.91 29.03 2.76
CA LYS D 110 22.32 29.15 1.43
C LYS D 110 20.80 28.92 1.49
N ALA D 111 20.14 29.82 2.20
CA ALA D 111 18.69 29.78 2.35
C ALA D 111 18.01 30.60 1.26
N ASN D 112 16.68 30.59 1.28
CA ASN D 112 15.90 31.28 0.25
C ASN D 112 15.93 32.79 0.51
N ILE D 113 16.40 33.55 -0.48
CA ILE D 113 16.54 34.99 -0.30
C ILE D 113 15.17 35.66 -0.20
N VAL D 114 14.16 35.09 -0.86
CA VAL D 114 12.81 35.64 -0.78
C VAL D 114 12.31 35.61 0.65
N GLU D 115 12.58 34.50 1.35
CA GLU D 115 12.25 34.45 2.77
C GLU D 115 13.03 35.49 3.56
N LEU D 116 14.22 35.86 3.09
CA LEU D 116 14.98 36.91 3.78
C LEU D 116 14.32 38.29 3.63
N GLU D 117 13.92 38.67 2.43
CA GLU D 117 13.26 39.98 2.38
C GLU D 117 11.78 39.92 2.67
N LEU D 118 11.24 38.73 3.01
CA LEU D 118 9.89 38.66 3.55
C LEU D 118 9.88 38.74 5.07
N ARG D 119 10.77 37.99 5.74
CA ARG D 119 10.76 37.95 7.20
C ARG D 119 11.45 39.14 7.84
N THR D 120 12.08 40.02 7.06
CA THR D 120 12.55 41.28 7.61
C THR D 120 11.41 42.26 7.83
N CYS D 121 10.35 42.16 7.01
CA CYS D 121 9.19 43.02 7.19
C CYS D 121 8.45 42.71 8.48
N MET D 122 8.49 41.45 8.93
CA MET D 122 7.79 41.09 10.17
C MET D 122 8.40 41.77 11.38
N ILE D 123 9.73 41.85 11.43
CA ILE D 123 10.39 42.52 12.55
C ILE D 123 10.19 44.03 12.53
N LEU D 124 10.24 44.65 11.35
CA LEU D 124 10.08 46.10 11.25
C LEU D 124 8.64 46.56 11.37
N GLY D 125 7.68 45.69 11.08
CA GLY D 125 6.28 46.03 11.24
C GLY D 125 5.64 46.76 10.07
N ILE D 126 6.37 46.99 8.99
CA ILE D 126 5.84 47.65 7.80
C ILE D 126 6.17 46.79 6.60
N ASN D 127 5.15 46.51 5.77
CA ASN D 127 5.33 45.76 4.54
C ASN D 127 5.89 46.61 3.41
N ASP D 128 6.40 47.80 3.72
CA ASP D 128 7.00 48.72 2.74
C ASP D 128 8.30 49.23 3.36
N ILE D 129 9.39 48.53 3.07
CA ILE D 129 10.70 48.89 3.61
C ILE D 129 11.55 49.61 2.57
N THR D 130 10.95 50.10 1.49
CA THR D 130 11.71 50.80 0.46
C THR D 130 12.34 52.08 1.01
N GLU D 131 11.64 52.78 1.89
CA GLU D 131 12.19 53.97 2.53
C GLU D 131 13.10 53.65 3.70
N TYR D 132 13.23 52.38 4.07
CA TYR D 132 14.06 51.95 5.19
C TYR D 132 15.33 51.28 4.67
N TYR D 133 15.76 51.69 3.48
CA TYR D 133 16.85 51.04 2.77
C TYR D 133 18.20 51.37 3.42
N GLY D 134 19.04 50.34 3.59
CA GLY D 134 20.41 50.52 4.01
C GLY D 134 20.60 51.18 5.36
N LYS D 135 19.84 50.75 6.36
CA LYS D 135 19.89 51.32 7.70
C LYS D 135 20.38 50.26 8.67
N LYS D 136 21.36 50.63 9.49
CA LYS D 136 21.93 49.72 10.47
C LYS D 136 21.16 49.84 11.79
N ILE D 137 20.56 48.74 12.22
CA ILE D 137 19.75 48.71 13.44
C ILE D 137 20.17 47.53 14.30
N SER D 138 20.39 47.80 15.59
CA SER D 138 20.65 46.76 16.57
C SER D 138 19.44 46.51 17.45
N GLU D 139 18.89 47.54 18.08
CA GLU D 139 17.60 47.48 18.75
C GLU D 139 16.59 48.17 17.86
N GLU D 140 15.45 47.49 17.62
CA GLU D 140 14.54 47.93 16.57
C GLU D 140 14.08 49.38 16.78
N GLU D 141 13.35 49.64 17.88
CA GLU D 141 12.86 50.97 18.21
C GLU D 141 11.87 51.48 17.17
N GLN D 142 11.60 50.68 16.14
CA GLN D 142 10.68 51.05 15.07
C GLN D 142 9.44 50.18 15.02
N GLU D 143 9.54 48.91 15.41
CA GLU D 143 8.36 48.03 15.40
C GLU D 143 7.29 48.56 16.33
N GLU D 144 7.67 49.01 17.52
CA GLU D 144 6.70 49.50 18.49
C GLU D 144 5.95 50.72 17.97
N ILE D 145 6.67 51.68 17.38
CA ILE D 145 6.03 52.90 16.91
C ILE D 145 5.22 52.64 15.65
N LYS D 146 5.66 51.73 14.79
CA LYS D 146 4.99 51.49 13.52
C LYS D 146 3.93 50.40 13.58
N LYS D 147 3.77 49.74 14.72
CA LYS D 147 2.68 48.79 14.91
C LYS D 147 1.53 49.39 15.73
N SER D 148 1.63 50.67 16.10
CA SER D 148 0.63 51.33 16.92
C SER D 148 0.00 52.51 16.19
N ASN D 149 -0.13 52.42 14.87
CA ASN D 149 -0.77 53.46 14.07
C ASN D 149 -2.22 53.07 13.84
N ILE D 150 -3.14 53.79 14.48
CA ILE D 150 -4.56 53.46 14.39
C ILE D 150 -5.17 53.90 13.07
N ALA D 151 -4.54 54.84 12.36
CA ALA D 151 -5.09 55.33 11.10
C ALA D 151 -5.17 54.21 10.06
N LYS D 152 -4.12 53.40 9.95
CA LYS D 152 -4.11 52.28 9.04
C LYS D 152 -4.69 51.03 9.71
N GLY D 153 -4.68 49.92 8.98
CA GLY D 153 -5.19 48.67 9.48
C GLY D 153 -4.09 47.84 10.13
N LYS D 154 -4.18 47.67 11.44
CA LYS D 154 -3.19 46.90 12.17
C LYS D 154 -3.51 45.40 12.07
N LYS D 155 -3.70 44.92 10.84
CA LYS D 155 -4.04 43.54 10.61
C LYS D 155 -2.79 42.67 10.54
N GLU D 156 -2.91 41.45 11.07
CA GLU D 156 -1.83 40.47 11.08
C GLU D 156 -0.59 41.00 11.80
N ASN D 157 -0.80 41.81 12.85
CA ASN D 157 0.29 42.40 13.63
C ASN D 157 1.25 43.15 12.70
N LYS D 158 0.69 43.93 11.78
CA LYS D 158 1.50 44.62 10.79
C LYS D 158 0.73 45.80 10.21
N LEU D 159 1.45 46.87 9.92
CA LEU D 159 0.89 48.03 9.26
C LEU D 159 0.81 47.80 7.75
N LYS D 160 -0.11 48.51 7.10
CA LYS D 160 -0.41 48.33 5.69
C LYS D 160 0.11 49.50 4.88
N ASP D 161 0.57 49.21 3.67
CA ASP D 161 1.07 50.22 2.74
C ASP D 161 0.03 51.31 2.50
N SAM E . 5.47 4.05 2.33
CA SAM E . 5.27 5.44 1.93
C SAM E . 3.80 5.74 1.62
O SAM E . 3.46 6.84 1.20
OXT SAM E . 2.93 4.90 1.81
CB SAM E . 6.16 5.81 0.74
CG SAM E . 6.55 4.67 -0.20
SD SAM E . 8.29 4.23 -0.06
CE SAM E . 8.54 3.34 -1.61
C5' SAM E . 9.09 5.81 -0.45
C4' SAM E . 9.76 6.48 0.74
O4' SAM E . 10.87 5.73 1.22
C3' SAM E . 10.27 7.86 0.38
O3' SAM E . 9.41 8.86 0.88
C2' SAM E . 11.63 7.97 1.06
O2' SAM E . 11.61 9.01 2.01
C1' SAM E . 11.82 6.63 1.76
N9 SAM E . 13.21 6.16 1.59
C8 SAM E . 13.87 5.92 0.42
N7 SAM E . 15.13 5.51 0.69
C5 SAM E . 15.28 5.48 2.03
C6 SAM E . 16.35 5.14 2.83
N6 SAM E . 17.51 4.74 2.29
N1 SAM E . 16.23 5.21 4.20
C2 SAM E . 15.04 5.62 4.77
N3 SAM E . 13.98 5.95 3.96
C4 SAM E . 14.10 5.89 2.61
#